data_9C7U
#
_entry.id   9C7U
#
_cell.length_a   1.00
_cell.length_b   1.00
_cell.length_c   1.00
_cell.angle_alpha   90.00
_cell.angle_beta   90.00
_cell.angle_gamma   90.00
#
_symmetry.space_group_name_H-M   'P 1'
#
loop_
_entity.id
_entity.type
_entity.pdbx_description
1 polymer Nicalin
2 polymer 'BOS complex subunit NOMO2'
3 polymer 'Transmembrane protein 147'
4 non-polymer 2-acetamido-2-deoxy-beta-D-glucopyranose
#
loop_
_entity_poly.entity_id
_entity_poly.type
_entity_poly.pdbx_seq_one_letter_code
_entity_poly.pdbx_strand_id
1 'polypeptide(L)'
;MLEEAGEVLENMLKASCLPLGFIVFLPAVLLLVAPPLPAADAAHEFTVYRMQQYDLQGQPYGTRNAVLNTEARTMAAEVL
SRRCVLMRLLDFSYEQYQKALRQSAGAVVIILPRAMAAVPQDVVRQFMEIEPEMLAMETAVPVYFAVEDEALLSIYKQTQ
AASASQGSASAAEVLLRTATANGFQMVTSGVQSKAVSDWLIASVEGRLTGLGGEDLPTIVIVAHYDAFGVAPWLSLGADS
NGSGVSVLLELARLFSRLYTYKRTHAAYNLLFFASGGGKFNYQGTKRWLEDNLDHTDSSLLQDNVAFVLCLDTVGRGSSL
HLHVSKPPREGTLQHAFLRELETVAAHQFPEVRFSMVHKRINLAEDVLAWEHERFAIRRLPAFTLSHLESHRDGQRSSIM
DVRSRVDSKTLTRNTRIIAEALTRVIYNLTEKGTPPDMPVFTEQMQIQQEQLDSVMDWLTNQPRAAQLVDKDSTFLSTLE
HHLSRYLKDVKQHHVKADKRDPEFVFYDQLKQVMNAYRVKPAVFDLLLAVGIAAYLGMAYVAVQHFSLLYKTVQRLLVKA
KTQ
;
A
2 'polypeptide(L)'
;MLVGQGAGLLGPAVVTAAVVLLLSGVGPAHGSEDIVYALAGVSFEIKAEDDQPLPGVLLSLSGGLFRSNLLTQDNGILTF
SNLSPGQYYFKPMMKEFRFEPSSQMIEVQEGQNLKITITGYRTAYSCYGTVSSLNGEPEQGVAMEAVGQNDCSIYGEDTV
TDEEGKFRLRGLLPGCVYHVQLKAEGNDHIERALPHHRVIEVGNNDIDDVNIIVFRQINQFDLSGNVITSSEYLPTLWVK
LYKSENLDNPIQTVSLGQSLFFHFPPLLRDGENYVVLLDSTLPRSQYDYILPQVSFTAVGYHKHITLIFNPTRKLPEQDI
AQGSYIALPLTLLVLLAGYNHDKLIPLLLQLTSRLQGVGALGQAASDNSGPEDAKRQAKKQKTRRT
;
B
3 'polypeptide(L)'
;MTLFHFGNCFALAYFPYFITYKCSGLSEYNAFWKCVQAGVTYLFVQLCKMLFLATFFPTWEGGIYDFIGEFMKASVDVAD
LIGLNLVMSRNAGKGEYKIMVAALGWATAELIMSRCIPLWVGARGIEFDWKYIQMSIDSNISLVHYIVASAQVWMITRYD
LYHTFRPAVLLLMFLSVYKAFVMETFVHLCSLGSWAALLARAVVTGLLALSTLALYVAVVNVHS
;
C
#
# COMPACT_ATOMS: atom_id res chain seq x y z
N ALA A 43 10.98 -19.01 -7.81
CA ALA A 43 9.85 -18.99 -6.90
C ALA A 43 9.51 -17.56 -6.48
N HIS A 44 8.60 -16.93 -7.22
CA HIS A 44 8.20 -15.57 -6.90
C HIS A 44 7.45 -15.53 -5.58
N GLU A 45 7.67 -14.46 -4.82
CA GLU A 45 6.98 -14.22 -3.55
C GLU A 45 6.35 -12.84 -3.60
N PHE A 46 5.12 -12.77 -4.10
CA PHE A 46 4.38 -11.53 -4.18
C PHE A 46 3.35 -11.46 -3.06
N THR A 47 2.81 -10.26 -2.87
CA THR A 47 1.78 -10.03 -1.85
C THR A 47 0.44 -9.87 -2.56
N VAL A 48 -0.53 -10.69 -2.16
CA VAL A 48 -1.87 -10.65 -2.73
C VAL A 48 -2.85 -10.18 -1.66
N TYR A 49 -3.65 -9.18 -2.00
CA TYR A 49 -4.67 -8.66 -1.10
C TYR A 49 -6.00 -9.31 -1.43
N ARG A 50 -6.64 -9.87 -0.41
CA ARG A 50 -7.83 -10.67 -0.63
C ARG A 50 -9.07 -9.79 -0.77
N MET A 51 -10.18 -10.40 -1.16
CA MET A 51 -11.46 -9.74 -1.26
C MET A 51 -12.11 -9.64 0.12
N GLN A 52 -13.19 -8.87 0.20
CA GLN A 52 -13.85 -8.63 1.49
C GLN A 52 -14.41 -9.93 2.06
N GLN A 53 -14.37 -10.03 3.38
CA GLN A 53 -14.94 -11.18 4.10
C GLN A 53 -15.71 -10.68 5.32
N TYR A 54 -16.50 -9.63 5.14
CA TYR A 54 -17.27 -9.07 6.24
C TYR A 54 -18.62 -9.77 6.34
N ASP A 55 -19.18 -9.77 7.55
CA ASP A 55 -20.52 -10.27 7.80
C ASP A 55 -21.37 -9.15 8.39
N LEU A 56 -22.64 -9.11 8.00
CA LEU A 56 -23.57 -8.12 8.51
C LEU A 56 -24.87 -8.81 8.92
N GLN A 57 -25.32 -8.53 10.14
CA GLN A 57 -26.59 -9.01 10.69
C GLN A 57 -26.71 -10.53 10.68
N GLY A 58 -25.61 -11.25 10.51
CA GLY A 58 -25.60 -12.70 10.51
C GLY A 58 -25.40 -13.31 9.13
N GLN A 59 -25.84 -12.64 8.08
CA GLN A 59 -25.64 -13.18 6.73
C GLN A 59 -24.23 -12.84 6.24
N PRO A 60 -23.57 -13.76 5.54
CA PRO A 60 -22.20 -13.53 5.09
C PRO A 60 -22.14 -12.67 3.84
N TYR A 61 -20.93 -12.26 3.50
CA TYR A 61 -20.67 -11.45 2.33
C TYR A 61 -19.25 -11.71 1.84
N GLY A 62 -19.05 -11.55 0.53
CA GLY A 62 -17.72 -11.67 -0.04
C GLY A 62 -17.21 -13.10 -0.02
N THR A 63 -15.91 -13.22 -0.32
CA THR A 63 -15.27 -14.52 -0.32
C THR A 63 -15.20 -15.09 1.11
N ARG A 64 -15.22 -16.41 1.20
CA ARG A 64 -15.18 -17.09 2.50
C ARG A 64 -14.14 -18.19 2.49
N ASN A 65 -12.96 -17.91 1.93
CA ASN A 65 -11.88 -18.88 1.90
C ASN A 65 -10.57 -18.14 1.70
N ALA A 66 -9.51 -18.64 2.31
CA ALA A 66 -8.20 -18.01 2.19
C ALA A 66 -7.08 -19.04 2.06
N VAL A 67 -7.38 -20.21 1.51
CA VAL A 67 -6.38 -21.26 1.30
C VAL A 67 -6.52 -21.78 -0.13
N LEU A 68 -5.40 -21.86 -0.84
CA LEU A 68 -5.40 -22.41 -2.18
C LEU A 68 -4.07 -23.10 -2.45
N ASN A 69 -4.14 -24.29 -3.06
CA ASN A 69 -2.93 -24.99 -3.50
C ASN A 69 -3.31 -25.76 -4.77
N THR A 70 -3.15 -25.09 -5.92
CA THR A 70 -3.50 -25.66 -7.21
C THR A 70 -2.53 -25.14 -8.26
N GLU A 71 -2.70 -25.64 -9.48
CA GLU A 71 -1.97 -25.09 -10.61
C GLU A 71 -2.56 -23.72 -10.97
N ALA A 72 -1.87 -23.02 -11.86
CA ALA A 72 -2.31 -21.71 -12.34
C ALA A 72 -2.69 -21.85 -13.80
N ARG A 73 -3.93 -22.27 -14.05
CA ARG A 73 -4.46 -22.37 -15.39
C ARG A 73 -5.29 -21.13 -15.67
N THR A 74 -4.74 -20.21 -16.45
CA THR A 74 -5.44 -18.98 -16.76
C THR A 74 -6.56 -19.28 -17.75
N MET A 75 -7.17 -18.24 -18.29
CA MET A 75 -8.48 -18.37 -18.91
C MET A 75 -8.36 -19.11 -20.23
N ALA A 76 -8.85 -20.35 -20.24
CA ALA A 76 -8.80 -21.22 -21.41
C ALA A 76 -9.97 -22.19 -21.33
N ALA A 77 -10.22 -22.89 -22.44
CA ALA A 77 -11.35 -23.80 -22.55
C ALA A 77 -11.14 -25.11 -21.81
N GLU A 78 -10.13 -25.20 -20.94
CA GLU A 78 -9.85 -26.42 -20.22
C GLU A 78 -10.80 -26.57 -19.04
N VAL A 79 -10.48 -27.48 -18.12
CA VAL A 79 -11.40 -27.83 -17.04
C VAL A 79 -11.72 -26.61 -16.18
N LEU A 80 -10.68 -25.87 -15.79
CA LEU A 80 -10.81 -24.67 -14.97
C LEU A 80 -11.41 -24.94 -13.59
N SER A 81 -11.54 -26.21 -13.20
CA SER A 81 -12.13 -26.57 -11.93
C SER A 81 -11.03 -26.92 -10.93
N ARG A 82 -11.13 -26.35 -9.73
CA ARG A 82 -10.12 -26.53 -8.68
C ARG A 82 -8.74 -26.07 -9.20
N ARG A 83 -8.73 -25.00 -9.98
CA ARG A 83 -7.50 -24.41 -10.48
C ARG A 83 -7.54 -22.90 -10.32
N CYS A 84 -6.45 -22.33 -9.83
CA CYS A 84 -6.35 -20.88 -9.74
C CYS A 84 -6.43 -20.27 -11.13
N VAL A 85 -7.26 -19.23 -11.27
CA VAL A 85 -7.47 -18.56 -12.54
C VAL A 85 -6.84 -17.18 -12.46
N LEU A 86 -5.96 -16.87 -13.40
CA LEU A 86 -5.26 -15.59 -13.44
C LEU A 86 -5.86 -14.73 -14.54
N MET A 87 -6.42 -13.59 -14.17
CA MET A 87 -6.89 -12.61 -15.12
C MET A 87 -6.27 -11.26 -14.81
N ARG A 88 -6.05 -10.46 -15.85
CA ARG A 88 -5.56 -9.11 -15.69
C ARG A 88 -6.72 -8.13 -15.82
N LEU A 89 -6.65 -7.04 -15.05
CA LEU A 89 -7.74 -6.08 -15.01
C LEU A 89 -8.05 -5.49 -16.36
N LEU A 90 -7.09 -5.46 -17.28
CA LEU A 90 -7.32 -4.89 -18.60
C LEU A 90 -8.29 -5.70 -19.45
N ASP A 91 -8.40 -7.00 -19.19
CA ASP A 91 -9.31 -7.87 -19.92
C ASP A 91 -10.18 -8.66 -18.95
N PHE A 92 -10.74 -7.96 -17.96
CA PHE A 92 -11.51 -8.58 -16.88
C PHE A 92 -12.99 -8.30 -17.12
N SER A 93 -13.63 -9.21 -17.85
CA SER A 93 -15.03 -9.08 -18.20
C SER A 93 -15.91 -9.81 -17.19
N TYR A 94 -17.11 -9.28 -16.94
CA TYR A 94 -17.96 -9.85 -15.91
C TYR A 94 -18.50 -11.22 -16.32
N GLU A 95 -18.86 -11.39 -17.59
CA GLU A 95 -19.28 -12.71 -18.04
C GLU A 95 -18.16 -13.72 -17.82
N GLN A 96 -16.92 -13.31 -18.08
CA GLN A 96 -15.78 -14.19 -17.85
C GLN A 96 -15.61 -14.51 -16.37
N TYR A 97 -15.76 -13.51 -15.50
CA TYR A 97 -15.60 -13.75 -14.06
C TYR A 97 -16.69 -14.66 -13.54
N GLN A 98 -17.92 -14.46 -13.98
CA GLN A 98 -19.01 -15.33 -13.56
C GLN A 98 -18.84 -16.75 -14.10
N LYS A 99 -18.28 -16.89 -15.30
CA LYS A 99 -17.93 -18.23 -15.78
C LYS A 99 -16.88 -18.86 -14.89
N ALA A 100 -15.89 -18.08 -14.46
CA ALA A 100 -14.84 -18.61 -13.59
C ALA A 100 -15.43 -19.08 -12.27
N LEU A 101 -16.29 -18.27 -11.65
CA LEU A 101 -16.87 -18.66 -10.37
C LEU A 101 -17.82 -19.83 -10.51
N ARG A 102 -18.64 -19.85 -11.56
CA ARG A 102 -19.58 -20.95 -11.75
C ARG A 102 -18.87 -22.26 -12.04
N GLN A 103 -17.66 -22.20 -12.60
CA GLN A 103 -16.89 -23.40 -12.87
C GLN A 103 -16.19 -23.94 -11.64
N SER A 104 -16.35 -23.30 -10.49
CA SER A 104 -15.75 -23.73 -9.23
C SER A 104 -14.22 -23.75 -9.35
N ALA A 105 -13.65 -22.58 -9.61
CA ALA A 105 -12.20 -22.45 -9.68
C ALA A 105 -11.60 -22.58 -8.28
N GLY A 106 -10.34 -22.99 -8.23
CA GLY A 106 -9.65 -23.08 -6.96
C GLY A 106 -9.51 -21.73 -6.29
N ALA A 107 -9.18 -20.70 -7.08
CA ALA A 107 -9.08 -19.33 -6.60
C ALA A 107 -9.05 -18.42 -7.83
N VAL A 108 -9.29 -17.14 -7.59
CA VAL A 108 -9.24 -16.13 -8.65
C VAL A 108 -8.25 -15.06 -8.24
N VAL A 109 -7.25 -14.81 -9.07
CA VAL A 109 -6.23 -13.80 -8.82
C VAL A 109 -6.29 -12.77 -9.93
N ILE A 110 -6.35 -11.50 -9.55
CA ILE A 110 -6.41 -10.39 -10.50
C ILE A 110 -5.13 -9.58 -10.37
N ILE A 111 -4.44 -9.38 -11.49
CA ILE A 111 -3.16 -8.69 -11.50
C ILE A 111 -3.45 -7.23 -11.84
N LEU A 112 -3.58 -6.41 -10.79
CA LEU A 112 -3.85 -5.00 -10.99
C LEU A 112 -2.62 -4.31 -11.57
N PRO A 113 -2.80 -3.33 -12.45
CA PRO A 113 -1.65 -2.55 -12.93
C PRO A 113 -0.97 -1.84 -11.77
N ARG A 114 0.37 -1.76 -11.85
CA ARG A 114 1.14 -1.18 -10.76
C ARG A 114 0.79 0.28 -10.53
N ALA A 115 0.68 1.06 -11.61
CA ALA A 115 0.41 2.49 -11.48
C ALA A 115 -1.00 2.74 -10.93
N MET A 116 -1.97 1.98 -11.41
CA MET A 116 -3.39 2.14 -11.07
C MET A 116 -3.92 3.52 -11.42
N ALA A 117 -3.18 4.30 -12.22
CA ALA A 117 -3.62 5.62 -12.65
C ALA A 117 -3.51 5.75 -14.16
N ALA A 118 -2.55 5.04 -14.75
CA ALA A 118 -2.38 5.06 -16.20
C ALA A 118 -3.34 4.12 -16.91
N VAL A 119 -4.11 3.34 -16.17
CA VAL A 119 -5.10 2.44 -16.77
C VAL A 119 -6.15 3.27 -17.51
N PRO A 120 -6.59 2.87 -18.70
CA PRO A 120 -7.56 3.70 -19.44
C PRO A 120 -8.84 3.91 -18.66
N GLN A 121 -9.42 5.10 -18.83
CA GLN A 121 -10.55 5.52 -18.01
C GLN A 121 -11.79 4.70 -18.28
N ASP A 122 -11.97 4.24 -19.51
CA ASP A 122 -13.12 3.39 -19.82
C ASP A 122 -13.07 2.08 -19.05
N VAL A 123 -11.88 1.48 -18.96
CA VAL A 123 -11.72 0.27 -18.15
C VAL A 123 -11.96 0.58 -16.68
N VAL A 124 -11.58 1.78 -16.24
CA VAL A 124 -11.84 2.18 -14.86
C VAL A 124 -13.34 2.24 -14.60
N ARG A 125 -14.10 2.82 -15.53
CA ARG A 125 -15.55 2.88 -15.38
C ARG A 125 -16.17 1.49 -15.39
N GLN A 126 -15.69 0.62 -16.27
CA GLN A 126 -16.20 -0.75 -16.30
C GLN A 126 -15.90 -1.48 -14.98
N PHE A 127 -14.71 -1.27 -14.43
CA PHE A 127 -14.37 -1.87 -13.15
C PHE A 127 -15.12 -1.21 -11.99
N MET A 128 -15.60 0.01 -12.17
CA MET A 128 -16.51 0.60 -11.19
C MET A 128 -17.86 -0.09 -11.23
N GLU A 129 -18.37 -0.35 -12.44
CA GLU A 129 -19.67 -0.99 -12.58
C GLU A 129 -19.65 -2.48 -12.26
N ILE A 130 -18.48 -3.11 -12.30
CA ILE A 130 -18.39 -4.53 -11.99
C ILE A 130 -18.42 -4.77 -10.48
N GLU A 131 -18.04 -3.77 -9.68
CA GLU A 131 -17.66 -4.03 -8.30
C GLU A 131 -18.83 -4.35 -7.38
N PRO A 132 -19.89 -3.52 -7.30
CA PRO A 132 -20.96 -3.83 -6.33
C PRO A 132 -21.60 -5.18 -6.55
N GLU A 133 -21.79 -5.60 -7.81
CA GLU A 133 -22.39 -6.90 -8.06
C GLU A 133 -21.43 -8.02 -7.70
N MET A 134 -20.12 -7.82 -7.93
CA MET A 134 -19.14 -8.82 -7.56
C MET A 134 -19.07 -9.00 -6.05
N LEU A 135 -19.20 -7.91 -5.30
CA LEU A 135 -19.00 -7.98 -3.86
C LEU A 135 -20.16 -8.66 -3.15
N ALA A 136 -21.40 -8.35 -3.56
CA ALA A 136 -22.58 -8.82 -2.84
C ALA A 136 -22.92 -10.26 -3.26
N MET A 137 -22.08 -11.17 -2.79
CA MET A 137 -22.30 -12.60 -3.02
C MET A 137 -21.52 -13.39 -1.99
N GLU A 138 -21.91 -14.67 -1.83
CA GLU A 138 -21.29 -15.58 -0.89
C GLU A 138 -20.28 -16.50 -1.57
N THR A 139 -19.52 -15.96 -2.52
CA THR A 139 -18.51 -16.72 -3.26
C THR A 139 -17.62 -17.52 -2.32
N ALA A 140 -17.64 -18.84 -2.46
CA ALA A 140 -16.85 -19.72 -1.61
C ALA A 140 -15.44 -19.93 -2.15
N VAL A 141 -15.07 -19.25 -3.22
CA VAL A 141 -13.77 -19.38 -3.85
C VAL A 141 -12.97 -18.11 -3.55
N PRO A 142 -11.75 -18.23 -3.02
CA PRO A 142 -10.99 -17.02 -2.67
C PRO A 142 -10.72 -16.16 -3.90
N VAL A 143 -10.78 -14.84 -3.70
CA VAL A 143 -10.49 -13.87 -4.75
C VAL A 143 -9.36 -12.98 -4.25
N TYR A 144 -8.23 -13.02 -4.93
CA TYR A 144 -7.04 -12.28 -4.53
C TYR A 144 -6.70 -11.23 -5.58
N PHE A 145 -6.26 -10.06 -5.11
CA PHE A 145 -5.87 -8.97 -5.98
C PHE A 145 -4.38 -8.71 -5.77
N ALA A 146 -3.60 -8.82 -6.85
CA ALA A 146 -2.16 -8.67 -6.80
C ALA A 146 -1.74 -7.39 -7.54
N VAL A 147 -0.44 -7.12 -7.51
CA VAL A 147 0.13 -5.94 -8.15
C VAL A 147 1.12 -6.40 -9.21
N GLU A 148 1.14 -5.70 -10.34
CA GLU A 148 1.94 -6.12 -11.48
C GLU A 148 3.43 -6.15 -11.13
N ASP A 149 4.13 -7.13 -11.68
CA ASP A 149 5.57 -7.27 -11.52
C ASP A 149 6.14 -7.86 -12.79
N GLU A 150 7.44 -7.66 -13.00
CA GLU A 150 8.10 -8.21 -14.18
C GLU A 150 7.96 -9.73 -14.23
N ALA A 151 8.28 -10.39 -13.11
CA ALA A 151 8.09 -11.84 -13.04
C ALA A 151 6.62 -12.20 -13.08
N LEU A 152 5.74 -11.34 -12.56
CA LEU A 152 4.31 -11.58 -12.69
C LEU A 152 3.87 -11.52 -14.14
N LEU A 153 4.36 -10.54 -14.90
CA LEU A 153 4.06 -10.51 -16.33
C LEU A 153 4.59 -11.75 -17.02
N SER A 154 5.79 -12.19 -16.66
CA SER A 154 6.35 -13.39 -17.28
C SER A 154 5.50 -14.62 -16.99
N ILE A 155 5.10 -14.80 -15.72
CA ILE A 155 4.33 -16.00 -15.37
C ILE A 155 2.96 -15.95 -16.03
N TYR A 156 2.34 -14.77 -16.10
CA TYR A 156 1.06 -14.68 -16.79
C TYR A 156 1.22 -15.01 -18.27
N LYS A 157 2.28 -14.52 -18.90
CA LYS A 157 2.50 -14.82 -20.31
C LYS A 157 2.69 -16.31 -20.54
N GLN A 158 3.51 -16.96 -19.70
CA GLN A 158 3.74 -18.39 -19.88
C GLN A 158 2.47 -19.20 -19.64
N THR A 159 1.70 -18.84 -18.62
CA THR A 159 0.45 -19.55 -18.36
C THR A 159 -0.54 -19.35 -19.49
N GLN A 160 -0.61 -18.14 -20.04
CA GLN A 160 -1.50 -17.88 -21.17
C GLN A 160 -1.08 -18.69 -22.39
N ALA A 161 0.22 -18.78 -22.65
CA ALA A 161 0.70 -19.57 -23.79
C ALA A 161 0.40 -21.05 -23.60
N ALA A 162 0.61 -21.56 -22.38
CA ALA A 162 0.45 -23.00 -22.14
C ALA A 162 -1.00 -23.42 -22.08
N SER A 163 -1.87 -22.57 -21.53
CA SER A 163 -3.25 -22.97 -21.26
C SER A 163 -4.04 -23.17 -22.55
N ALA A 164 -3.95 -22.20 -23.47
CA ALA A 164 -4.78 -22.25 -24.68
C ALA A 164 -4.43 -23.44 -25.55
N SER A 165 -3.14 -23.72 -25.71
CA SER A 165 -2.70 -24.82 -26.57
C SER A 165 -2.94 -26.17 -25.90
N ALA A 172 2.45 -36.13 -32.14
CA ALA A 172 3.69 -35.44 -31.82
C ALA A 172 3.42 -34.19 -31.00
N GLU A 173 2.29 -33.54 -31.25
CA GLU A 173 1.94 -32.34 -30.51
C GLU A 173 1.68 -32.64 -29.04
N VAL A 174 1.00 -33.76 -28.76
CA VAL A 174 0.66 -34.08 -27.37
C VAL A 174 1.91 -34.36 -26.56
N LEU A 175 2.85 -35.13 -27.10
CA LEU A 175 4.08 -35.41 -26.38
C LEU A 175 4.93 -34.16 -26.23
N LEU A 176 4.96 -33.31 -27.26
CA LEU A 176 5.68 -32.05 -27.16
C LEU A 176 5.06 -31.15 -26.10
N ARG A 177 3.72 -31.11 -26.04
CA ARG A 177 3.05 -30.32 -25.01
C ARG A 177 3.35 -30.85 -23.61
N THR A 178 3.36 -32.18 -23.45
CA THR A 178 3.70 -32.74 -22.15
C THR A 178 5.15 -32.43 -21.76
N ALA A 179 6.06 -32.49 -22.74
CA ALA A 179 7.46 -32.17 -22.46
C ALA A 179 7.61 -30.70 -22.06
N THR A 180 6.95 -29.80 -22.78
CA THR A 180 6.99 -28.37 -22.47
C THR A 180 5.61 -28.01 -21.90
N ALA A 181 5.44 -28.21 -20.60
CA ALA A 181 4.20 -27.97 -19.88
C ALA A 181 4.45 -27.07 -18.69
N ASN A 182 5.12 -25.94 -18.94
CA ASN A 182 5.57 -25.06 -17.88
C ASN A 182 4.41 -24.32 -17.24
N GLY A 183 3.53 -25.04 -16.55
CA GLY A 183 2.43 -24.45 -15.84
C GLY A 183 2.73 -24.33 -14.37
N PHE A 184 2.76 -23.10 -13.87
CA PHE A 184 3.16 -22.84 -12.50
C PHE A 184 2.09 -23.29 -11.51
N GLN A 185 2.53 -23.58 -10.30
CA GLN A 185 1.64 -23.90 -9.19
C GLN A 185 1.75 -22.80 -8.13
N MET A 186 0.62 -22.24 -7.74
CA MET A 186 0.57 -21.15 -6.77
C MET A 186 0.00 -21.66 -5.47
N VAL A 187 0.71 -21.40 -4.37
CA VAL A 187 0.27 -21.77 -3.04
C VAL A 187 0.37 -20.55 -2.14
N THR A 188 -0.53 -20.47 -1.17
CA THR A 188 -0.58 -19.36 -0.24
C THR A 188 -0.02 -19.78 1.11
N SER A 189 -0.03 -18.85 2.06
CA SER A 189 0.52 -19.09 3.39
C SER A 189 -0.54 -18.83 4.44
N GLY A 190 -0.29 -19.34 5.64
CA GLY A 190 -1.19 -19.12 6.75
C GLY A 190 -2.36 -20.08 6.74
N VAL A 191 -3.26 -19.85 7.69
CA VAL A 191 -4.44 -20.70 7.88
C VAL A 191 -5.66 -19.94 7.37
N GLN A 192 -6.78 -20.64 7.33
CA GLN A 192 -8.04 -20.04 6.89
C GLN A 192 -8.39 -18.84 7.75
N SER A 193 -9.22 -17.96 7.20
CA SER A 193 -9.66 -16.77 7.92
C SER A 193 -10.45 -17.17 9.15
N LYS A 194 -10.11 -16.55 10.29
CA LYS A 194 -10.80 -16.79 11.55
C LYS A 194 -11.58 -15.54 11.94
N ALA A 195 -12.77 -15.75 12.49
CA ALA A 195 -13.63 -14.63 12.84
C ALA A 195 -13.01 -13.80 13.96
N VAL A 196 -12.53 -12.60 13.64
CA VAL A 196 -12.04 -11.69 14.67
C VAL A 196 -13.24 -11.27 15.51
N SER A 197 -13.31 -11.78 16.74
CA SER A 197 -14.48 -11.62 17.58
C SER A 197 -14.40 -10.41 18.50
N ASP A 198 -13.25 -9.73 18.58
CA ASP A 198 -13.05 -8.64 19.51
C ASP A 198 -12.48 -7.44 18.75
N TRP A 199 -13.09 -7.11 17.61
CA TRP A 199 -12.71 -5.94 16.85
C TRP A 199 -13.59 -4.78 17.26
N LEU A 200 -12.98 -3.72 17.79
CA LEU A 200 -13.71 -2.54 18.24
C LEU A 200 -13.70 -1.51 17.11
N ILE A 201 -14.86 -1.29 16.50
CA ILE A 201 -14.97 -0.21 15.53
C ILE A 201 -14.82 1.12 16.25
N ALA A 202 -13.92 1.96 15.78
CA ALA A 202 -13.58 3.19 16.48
C ALA A 202 -14.49 4.32 16.03
N SER A 203 -14.39 5.44 16.74
CA SER A 203 -15.17 6.64 16.42
C SER A 203 -14.62 7.83 17.20
N VAL A 204 -14.35 8.94 16.53
CA VAL A 204 -13.78 10.13 17.14
C VAL A 204 -14.85 11.22 17.17
N GLU A 205 -15.12 11.76 18.36
CA GLU A 205 -16.16 12.75 18.55
C GLU A 205 -15.59 13.96 19.26
N GLY A 206 -15.99 15.15 18.83
CA GLY A 206 -15.55 16.38 19.44
C GLY A 206 -16.66 17.40 19.48
N ARG A 207 -16.66 18.21 20.53
CA ARG A 207 -17.69 19.19 20.77
C ARG A 207 -17.17 20.60 20.52
N LEU A 208 -18.11 21.56 20.50
CA LEU A 208 -17.79 22.96 20.44
C LEU A 208 -18.89 23.71 21.17
N THR A 209 -18.59 24.22 22.36
CA THR A 209 -19.60 24.86 23.18
C THR A 209 -20.08 26.17 22.55
N GLY A 210 -21.34 26.51 22.81
CA GLY A 210 -21.93 27.72 22.28
C GLY A 210 -21.48 28.97 22.99
N LEU A 211 -22.32 30.01 22.99
CA LEU A 211 -21.97 31.26 23.65
C LEU A 211 -22.44 31.26 25.11
N GLY A 212 -23.74 31.13 25.34
CA GLY A 212 -24.27 31.13 26.69
C GLY A 212 -25.62 30.46 26.79
N GLY A 213 -25.75 29.55 27.74
CA GLY A 213 -27.00 28.83 27.95
C GLY A 213 -26.82 27.33 27.92
N GLU A 214 -27.78 26.61 28.49
CA GLU A 214 -27.75 25.15 28.53
C GLU A 214 -28.75 24.51 27.58
N ASP A 215 -29.41 25.29 26.73
CA ASP A 215 -30.41 24.80 25.80
C ASP A 215 -30.08 25.13 24.34
N LEU A 216 -28.82 25.38 24.04
CA LEU A 216 -28.45 25.79 22.69
C LEU A 216 -28.67 24.63 21.72
N PRO A 217 -29.16 24.91 20.51
CA PRO A 217 -29.27 23.86 19.50
C PRO A 217 -27.90 23.32 19.13
N THR A 218 -27.85 22.02 18.82
CA THR A 218 -26.59 21.31 18.62
C THR A 218 -26.52 20.77 17.20
N ILE A 219 -25.98 21.57 16.29
CA ILE A 219 -25.72 21.10 14.93
C ILE A 219 -24.66 20.01 14.98
N VAL A 220 -24.87 18.95 14.21
CA VAL A 220 -23.98 17.79 14.22
C VAL A 220 -23.46 17.57 12.82
N ILE A 221 -22.15 17.31 12.73
CA ILE A 221 -21.49 16.98 11.47
C ILE A 221 -20.81 15.64 11.65
N VAL A 222 -21.09 14.69 10.76
CA VAL A 222 -20.50 13.37 10.83
C VAL A 222 -19.87 13.03 9.48
N ALA A 223 -18.93 12.08 9.53
CA ALA A 223 -18.26 11.60 8.33
C ALA A 223 -17.54 10.30 8.62
N HIS A 224 -17.82 9.24 7.86
CA HIS A 224 -17.21 7.94 8.09
C HIS A 224 -15.90 7.85 7.32
N TYR A 225 -14.79 7.91 8.04
CA TYR A 225 -13.48 7.99 7.39
C TYR A 225 -13.15 6.75 6.57
N ASP A 226 -13.75 5.60 6.88
CA ASP A 226 -13.37 4.37 6.21
C ASP A 226 -13.95 4.31 4.81
N ALA A 227 -13.51 3.32 4.04
CA ALA A 227 -14.05 3.05 2.72
C ALA A 227 -13.63 1.65 2.32
N PHE A 228 -14.59 0.78 2.03
CA PHE A 228 -14.28 -0.58 1.64
C PHE A 228 -14.49 -0.70 0.14
N GLY A 229 -13.51 -1.27 -0.54
CA GLY A 229 -13.63 -1.66 -1.93
C GLY A 229 -13.74 -3.16 -2.06
N VAL A 230 -13.48 -3.65 -3.27
CA VAL A 230 -13.42 -5.09 -3.48
C VAL A 230 -12.20 -5.72 -2.82
N ALA A 231 -11.27 -4.91 -2.33
CA ALA A 231 -10.12 -5.41 -1.59
C ALA A 231 -9.83 -4.49 -0.41
N PRO A 232 -9.98 -4.96 0.82
CA PRO A 232 -9.78 -4.07 1.98
C PRO A 232 -8.41 -3.42 2.03
N TRP A 233 -7.36 -4.16 1.68
CA TRP A 233 -6.01 -3.61 1.70
C TRP A 233 -5.75 -2.67 0.54
N LEU A 234 -6.54 -2.75 -0.53
CA LEU A 234 -6.42 -1.85 -1.67
C LEU A 234 -7.46 -0.75 -1.66
N SER A 235 -8.27 -0.65 -0.60
CA SER A 235 -9.36 0.32 -0.55
C SER A 235 -8.86 1.63 0.06
N LEU A 236 -8.11 2.37 -0.76
CA LEU A 236 -7.64 3.69 -0.33
C LEU A 236 -8.80 4.64 -0.11
N GLY A 237 -9.77 4.65 -1.02
CA GLY A 237 -10.96 5.46 -0.86
C GLY A 237 -10.69 6.94 -0.80
N ALA A 238 -10.25 7.53 -1.91
CA ALA A 238 -9.99 8.97 -1.94
C ALA A 238 -11.24 9.77 -2.27
N ASP A 239 -11.99 9.38 -3.31
CA ASP A 239 -13.23 10.06 -3.65
C ASP A 239 -14.39 9.60 -2.78
N SER A 240 -14.22 8.51 -2.03
CA SER A 240 -15.25 8.08 -1.08
C SER A 240 -15.18 9.01 0.12
N ASN A 241 -15.87 8.65 1.21
CA ASN A 241 -16.01 9.57 2.33
C ASN A 241 -14.67 9.99 2.92
N GLY A 242 -13.58 9.39 2.46
CA GLY A 242 -12.26 9.93 2.75
C GLY A 242 -12.08 11.35 2.26
N SER A 243 -12.85 11.77 1.26
CA SER A 243 -12.91 13.16 0.84
C SER A 243 -13.96 13.95 1.63
N GLY A 244 -14.73 13.30 2.48
CA GLY A 244 -15.69 13.98 3.31
C GLY A 244 -15.12 14.25 4.69
N VAL A 245 -14.31 13.31 5.20
CA VAL A 245 -13.63 13.55 6.46
C VAL A 245 -12.62 14.67 6.36
N SER A 246 -12.03 14.89 5.19
CA SER A 246 -11.17 16.06 5.00
C SER A 246 -11.95 17.37 5.09
N VAL A 247 -13.13 17.41 4.47
CA VAL A 247 -13.97 18.60 4.58
C VAL A 247 -14.43 18.80 6.02
N LEU A 248 -14.71 17.70 6.72
CA LEU A 248 -15.07 17.81 8.14
C LEU A 248 -13.92 18.37 8.96
N LEU A 249 -12.69 17.92 8.68
CA LEU A 249 -11.54 18.44 9.40
C LEU A 249 -11.34 19.93 9.12
N GLU A 250 -11.49 20.35 7.86
CA GLU A 250 -11.33 21.76 7.55
C GLU A 250 -12.44 22.59 8.18
N LEU A 251 -13.66 22.07 8.21
CA LEU A 251 -14.75 22.76 8.91
C LEU A 251 -14.43 22.87 10.39
N ALA A 252 -13.84 21.82 10.96
CA ALA A 252 -13.44 21.87 12.37
C ALA A 252 -12.43 22.98 12.60
N ARG A 253 -11.42 23.06 11.74
CA ARG A 253 -10.42 24.11 11.89
C ARG A 253 -11.05 25.49 11.78
N LEU A 254 -11.91 25.68 10.77
CA LEU A 254 -12.46 27.01 10.51
C LEU A 254 -13.40 27.43 11.63
N PHE A 255 -14.26 26.53 12.10
CA PHE A 255 -15.18 26.88 13.16
C PHE A 255 -14.46 27.00 14.50
N SER A 256 -13.37 26.28 14.70
CA SER A 256 -12.56 26.53 15.89
C SER A 256 -11.94 27.92 15.85
N ARG A 257 -11.44 28.33 14.68
CA ARG A 257 -10.91 29.68 14.55
C ARG A 257 -11.99 30.73 14.80
N LEU A 258 -13.21 30.46 14.35
CA LEU A 258 -14.30 31.41 14.53
C LEU A 258 -14.78 31.43 15.99
N TYR A 259 -14.78 30.28 16.65
CA TYR A 259 -15.32 30.18 18.00
C TYR A 259 -14.33 30.60 19.08
N THR A 260 -13.02 30.54 18.80
CA THR A 260 -12.04 30.88 19.81
C THR A 260 -12.21 32.32 20.30
N TYR A 261 -12.58 33.22 19.41
CA TYR A 261 -12.69 34.63 19.75
C TYR A 261 -14.13 34.99 20.11
N LYS A 262 -14.27 35.85 21.11
CA LYS A 262 -15.58 36.11 21.71
C LYS A 262 -16.53 36.77 20.72
N ARG A 263 -16.06 37.74 19.95
CA ARG A 263 -16.96 38.53 19.12
C ARG A 263 -17.54 37.72 17.97
N THR A 264 -16.92 36.61 17.59
CA THR A 264 -17.48 35.72 16.58
C THR A 264 -17.89 34.38 17.17
N HIS A 265 -18.10 34.32 18.48
CA HIS A 265 -18.51 33.09 19.15
C HIS A 265 -20.03 32.92 19.07
N ALA A 266 -20.52 32.32 17.99
CA ALA A 266 -21.95 32.16 17.82
C ALA A 266 -22.49 31.14 18.81
N ALA A 267 -23.79 31.22 19.06
CA ALA A 267 -24.46 30.37 20.04
C ALA A 267 -25.11 29.19 19.31
N TYR A 268 -24.27 28.23 18.91
CA TYR A 268 -24.75 27.03 18.25
C TYR A 268 -23.72 25.94 18.49
N ASN A 269 -24.05 24.96 19.34
CA ASN A 269 -23.14 23.88 19.63
C ASN A 269 -22.92 23.03 18.39
N LEU A 270 -21.67 22.68 18.12
CA LEU A 270 -21.30 21.88 16.95
C LEU A 270 -20.64 20.60 17.43
N LEU A 271 -21.30 19.47 17.19
CA LEU A 271 -20.79 18.17 17.57
C LEU A 271 -20.24 17.48 16.33
N PHE A 272 -18.92 17.42 16.20
CA PHE A 272 -18.26 16.77 15.08
C PHE A 272 -18.03 15.31 15.41
N PHE A 273 -18.13 14.45 14.40
CA PHE A 273 -18.07 13.02 14.63
C PHE A 273 -17.42 12.37 13.41
N ALA A 274 -16.10 12.18 13.47
CA ALA A 274 -15.38 11.47 12.42
C ALA A 274 -15.56 9.97 12.64
N SER A 275 -16.77 9.51 12.31
CA SER A 275 -17.18 8.16 12.65
C SER A 275 -16.33 7.12 11.95
N GLY A 276 -16.08 6.02 12.65
CA GLY A 276 -15.60 4.81 12.03
C GLY A 276 -16.75 3.87 11.74
N GLY A 277 -16.41 2.70 11.21
CA GLY A 277 -17.44 1.74 10.86
C GLY A 277 -18.46 2.34 9.93
N GLY A 278 -18.06 2.60 8.69
CA GLY A 278 -18.85 3.41 7.80
C GLY A 278 -19.69 2.56 6.86
N LYS A 279 -19.19 2.34 5.65
CA LYS A 279 -19.95 1.64 4.62
C LYS A 279 -20.47 0.28 5.09
N PHE A 280 -19.98 -0.20 6.24
CA PHE A 280 -20.50 -1.41 6.86
C PHE A 280 -21.77 -1.11 7.65
N ASN A 281 -22.76 -0.57 6.96
CA ASN A 281 -24.08 -0.23 7.49
C ASN A 281 -24.02 0.88 8.54
N TYR A 282 -22.93 1.64 8.62
CA TYR A 282 -22.82 2.78 9.51
C TYR A 282 -22.98 2.37 10.98
N GLN A 283 -22.25 1.33 11.38
CA GLN A 283 -22.35 0.83 12.75
C GLN A 283 -21.81 1.86 13.74
N GLY A 284 -20.75 2.57 13.37
CA GLY A 284 -20.17 3.55 14.27
C GLY A 284 -21.15 4.65 14.64
N THR A 285 -21.97 5.08 13.68
CA THR A 285 -23.03 6.03 13.98
C THR A 285 -24.15 5.40 14.77
N LYS A 286 -24.48 4.14 14.48
CA LYS A 286 -25.55 3.44 15.19
C LYS A 286 -25.25 3.38 16.69
N ARG A 287 -24.06 2.89 17.04
CA ARG A 287 -23.70 2.75 18.45
C ARG A 287 -23.62 4.11 19.14
N TRP A 288 -23.04 5.10 18.47
CA TRP A 288 -22.91 6.44 19.06
C TRP A 288 -24.28 7.03 19.34
N LEU A 289 -25.18 6.96 18.37
CA LEU A 289 -26.53 7.48 18.52
C LEU A 289 -27.34 6.70 19.56
N GLU A 290 -27.07 5.41 19.71
CA GLU A 290 -27.74 4.65 20.75
C GLU A 290 -27.22 5.02 22.13
N ASP A 291 -25.90 5.14 22.28
CA ASP A 291 -25.31 5.42 23.58
C ASP A 291 -25.61 6.84 24.05
N ASN A 292 -25.77 7.78 23.12
CA ASN A 292 -26.09 9.15 23.51
C ASN A 292 -27.58 9.42 23.63
N LEU A 293 -28.43 8.42 23.39
CA LEU A 293 -29.87 8.60 23.43
C LEU A 293 -30.55 7.77 24.52
N ASP A 294 -30.31 6.46 24.54
CA ASP A 294 -31.06 5.58 25.43
C ASP A 294 -30.28 5.14 26.66
N HIS A 295 -28.95 4.99 26.56
CA HIS A 295 -28.18 4.56 27.71
C HIS A 295 -28.06 5.67 28.74
N THR A 296 -27.47 6.80 28.35
CA THR A 296 -27.32 7.93 29.25
C THR A 296 -28.49 8.90 29.09
N ASP A 297 -28.51 9.93 29.92
CA ASP A 297 -29.50 11.00 29.82
C ASP A 297 -28.90 12.35 29.48
N SER A 298 -27.59 12.52 29.67
CA SER A 298 -26.90 13.76 29.32
C SER A 298 -26.54 13.78 27.85
N SER A 299 -25.61 14.68 27.48
CA SER A 299 -25.07 14.83 26.14
C SER A 299 -26.02 15.61 25.25
N LEU A 300 -25.47 16.22 24.19
CA LEU A 300 -26.20 17.19 23.39
C LEU A 300 -27.12 16.55 22.36
N LEU A 301 -27.06 15.23 22.18
CA LEU A 301 -27.83 14.57 21.13
C LEU A 301 -29.32 14.44 21.47
N GLN A 302 -29.78 15.08 22.53
CA GLN A 302 -31.20 15.08 22.87
C GLN A 302 -31.78 16.44 23.17
N ASP A 303 -30.96 17.44 23.53
CA ASP A 303 -31.46 18.68 24.07
C ASP A 303 -32.31 19.47 23.09
N ASN A 304 -31.69 20.01 22.05
CA ASN A 304 -32.40 20.79 21.03
C ASN A 304 -31.80 20.52 19.66
N VAL A 305 -31.55 19.26 19.34
CA VAL A 305 -30.77 18.87 18.17
C VAL A 305 -31.33 19.50 16.90
N ALA A 306 -30.52 20.32 16.25
CA ALA A 306 -30.86 20.90 14.95
C ALA A 306 -30.50 19.91 13.85
N PHE A 307 -30.45 20.37 12.61
CA PHE A 307 -30.14 19.50 11.49
C PHE A 307 -28.80 18.78 11.74
N VAL A 308 -28.73 17.53 11.31
CA VAL A 308 -27.52 16.74 11.49
C VAL A 308 -26.90 16.47 10.13
N LEU A 309 -25.86 17.21 9.79
CA LEU A 309 -25.22 17.07 8.50
C LEU A 309 -24.42 15.77 8.43
N CYS A 310 -24.29 15.24 7.20
CA CYS A 310 -23.44 14.09 6.95
C CYS A 310 -22.76 14.30 5.60
N LEU A 311 -21.45 14.06 5.56
CA LEU A 311 -20.65 14.30 4.36
C LEU A 311 -20.09 12.99 3.86
N ASP A 312 -20.29 12.70 2.57
CA ASP A 312 -19.68 11.54 1.95
C ASP A 312 -19.54 11.80 0.46
N THR A 313 -18.47 11.27 -0.13
CA THR A 313 -18.11 11.45 -1.54
C THR A 313 -18.42 12.86 -2.03
N VAL A 314 -17.84 13.83 -1.34
CA VAL A 314 -18.07 15.24 -1.61
C VAL A 314 -16.90 15.86 -2.37
N GLY A 315 -16.14 15.05 -3.10
CA GLY A 315 -14.92 15.50 -3.74
C GLY A 315 -15.13 15.93 -5.18
N ARG A 316 -14.72 15.09 -6.12
CA ARG A 316 -14.82 15.44 -7.54
C ARG A 316 -16.26 15.68 -7.95
N GLY A 317 -16.43 16.34 -9.08
CA GLY A 317 -17.74 16.60 -9.65
C GLY A 317 -18.11 18.06 -9.60
N SER A 318 -18.94 18.48 -10.56
CA SER A 318 -19.39 19.85 -10.66
C SER A 318 -20.82 20.04 -10.17
N SER A 319 -21.39 19.04 -9.50
CA SER A 319 -22.76 19.10 -9.01
C SER A 319 -22.78 18.75 -7.53
N LEU A 320 -23.55 19.52 -6.76
CA LEU A 320 -23.73 19.28 -5.34
C LEU A 320 -25.19 18.98 -5.06
N HIS A 321 -25.46 17.92 -4.30
CA HIS A 321 -26.82 17.50 -4.00
C HIS A 321 -26.95 17.26 -2.50
N LEU A 322 -27.97 17.86 -1.90
CA LEU A 322 -28.28 17.69 -0.49
C LEU A 322 -29.42 16.67 -0.38
N HIS A 323 -29.09 15.45 0.05
CA HIS A 323 -30.07 14.38 0.12
C HIS A 323 -30.80 14.44 1.45
N VAL A 324 -32.11 14.19 1.42
CA VAL A 324 -32.95 14.17 2.61
C VAL A 324 -33.76 12.89 2.63
N SER A 325 -33.96 12.33 3.82
CA SER A 325 -34.85 11.18 3.97
C SER A 325 -36.30 11.61 3.86
N LYS A 326 -36.66 12.73 4.49
CA LYS A 326 -37.97 13.33 4.41
C LYS A 326 -37.83 14.82 4.14
N PRO A 327 -38.78 15.43 3.46
CA PRO A 327 -38.68 16.85 3.13
C PRO A 327 -38.61 17.70 4.38
N PRO A 328 -37.79 18.74 4.39
CA PRO A 328 -37.74 19.64 5.56
C PRO A 328 -39.08 20.34 5.75
N ARG A 329 -39.48 20.47 7.01
CA ARG A 329 -40.69 21.21 7.33
C ARG A 329 -40.41 22.70 7.23
N GLU A 330 -41.32 23.43 6.58
CA GLU A 330 -41.10 24.85 6.35
C GLU A 330 -41.04 25.60 7.68
N GLY A 331 -40.01 26.43 7.83
CA GLY A 331 -39.83 27.25 9.01
C GLY A 331 -38.84 26.71 10.02
N THR A 332 -38.50 25.43 9.95
CA THR A 332 -37.57 24.85 10.91
C THR A 332 -36.13 25.15 10.50
N LEU A 333 -35.18 24.68 11.32
CA LEU A 333 -33.78 24.96 11.06
C LEU A 333 -33.30 24.29 9.77
N GLN A 334 -33.78 23.07 9.49
CA GLN A 334 -33.38 22.39 8.27
C GLN A 334 -33.78 23.20 7.04
N HIS A 335 -35.01 23.71 7.01
CA HIS A 335 -35.45 24.49 5.86
C HIS A 335 -34.66 25.78 5.73
N ALA A 336 -34.35 26.42 6.86
CA ALA A 336 -33.53 27.62 6.81
C ALA A 336 -32.15 27.33 6.25
N PHE A 337 -31.52 26.24 6.69
CA PHE A 337 -30.20 25.89 6.18
C PHE A 337 -30.26 25.54 4.70
N LEU A 338 -31.33 24.85 4.27
CA LEU A 338 -31.46 24.51 2.87
C LEU A 338 -31.64 25.76 2.01
N ARG A 339 -32.43 26.72 2.51
CA ARG A 339 -32.57 27.98 1.79
C ARG A 339 -31.24 28.72 1.69
N GLU A 340 -30.47 28.74 2.78
CA GLU A 340 -29.15 29.37 2.72
C GLU A 340 -28.25 28.66 1.73
N LEU A 341 -28.29 27.32 1.73
CA LEU A 341 -27.46 26.56 0.81
C LEU A 341 -27.83 26.85 -0.64
N GLU A 342 -29.12 26.88 -0.94
CA GLU A 342 -29.54 27.17 -2.31
C GLU A 342 -29.17 28.59 -2.72
N THR A 343 -29.34 29.56 -1.81
CA THR A 343 -28.96 30.93 -2.14
C THR A 343 -27.47 31.04 -2.41
N VAL A 344 -26.64 30.36 -1.60
CA VAL A 344 -25.20 30.40 -1.81
C VAL A 344 -24.84 29.74 -3.14
N ALA A 345 -25.38 28.54 -3.39
CA ALA A 345 -25.04 27.80 -4.59
C ALA A 345 -25.61 28.45 -5.85
N ALA A 346 -26.56 29.37 -5.72
CA ALA A 346 -27.11 30.05 -6.87
C ALA A 346 -26.51 31.44 -7.09
N HIS A 347 -25.99 32.09 -6.05
CA HIS A 347 -25.45 33.44 -6.18
C HIS A 347 -23.94 33.48 -6.13
N GLN A 348 -23.32 32.82 -5.15
CA GLN A 348 -21.87 32.88 -5.01
C GLN A 348 -21.17 32.10 -6.12
N PHE A 349 -21.50 30.82 -6.25
CA PHE A 349 -20.86 29.95 -7.26
C PHE A 349 -21.92 29.41 -8.20
N PRO A 350 -22.14 30.03 -9.36
CA PRO A 350 -23.14 29.53 -10.30
C PRO A 350 -22.68 28.32 -11.09
N GLU A 351 -21.41 27.92 -10.97
CA GLU A 351 -20.89 26.80 -11.74
C GLU A 351 -21.39 25.44 -11.27
N VAL A 352 -22.06 25.38 -10.13
CA VAL A 352 -22.55 24.13 -9.57
C VAL A 352 -24.07 24.13 -9.61
N ARG A 353 -24.63 23.04 -10.12
CA ARG A 353 -26.08 22.83 -10.08
C ARG A 353 -26.43 22.18 -8.75
N PHE A 354 -27.46 22.72 -8.10
CA PHE A 354 -27.87 22.26 -6.78
C PHE A 354 -29.33 21.85 -6.81
N SER A 355 -29.64 20.76 -6.13
CA SER A 355 -31.01 20.26 -6.06
C SER A 355 -31.18 19.25 -4.93
N MET A 356 -32.25 19.39 -4.15
CA MET A 356 -32.58 18.39 -3.15
C MET A 356 -32.87 17.04 -3.80
N VAL A 357 -32.50 15.97 -3.11
CA VAL A 357 -32.89 14.63 -3.48
C VAL A 357 -33.65 14.03 -2.29
N HIS A 358 -34.91 13.68 -2.51
CA HIS A 358 -35.78 13.17 -1.45
C HIS A 358 -35.99 11.68 -1.68
N LYS A 359 -35.19 10.86 -1.01
CA LYS A 359 -35.31 9.41 -1.06
C LYS A 359 -35.97 8.95 0.24
N ARG A 360 -37.11 8.30 0.12
CA ARG A 360 -37.82 7.80 1.30
C ARG A 360 -37.02 6.68 1.95
N ILE A 361 -37.06 6.64 3.28
CA ILE A 361 -36.32 5.62 4.02
C ILE A 361 -36.83 4.24 3.62
N ASN A 362 -35.91 3.34 3.30
CA ASN A 362 -36.25 1.96 2.96
C ASN A 362 -35.57 1.05 3.97
N LEU A 363 -36.38 0.22 4.64
CA LEU A 363 -35.90 -0.70 5.67
C LEU A 363 -35.70 -2.11 5.14
N ALA A 364 -35.55 -2.25 3.82
CA ALA A 364 -35.32 -3.56 3.20
C ALA A 364 -33.92 -3.73 2.64
N GLU A 365 -33.20 -2.64 2.39
CA GLU A 365 -31.87 -2.72 1.84
C GLU A 365 -30.88 -3.23 2.88
N ASP A 366 -29.78 -3.80 2.39
CA ASP A 366 -28.74 -4.31 3.27
C ASP A 366 -28.11 -3.18 4.08
N VAL A 367 -27.77 -2.08 3.41
CA VAL A 367 -27.22 -0.89 4.06
C VAL A 367 -28.27 0.20 4.05
N LEU A 368 -28.15 1.14 4.97
CA LEU A 368 -29.13 2.21 5.06
C LEU A 368 -28.77 3.38 4.15
N ALA A 369 -28.50 3.08 2.88
CA ALA A 369 -28.20 4.11 1.87
C ALA A 369 -27.18 5.13 2.36
N TRP A 370 -27.66 6.34 2.67
CA TRP A 370 -26.78 7.41 3.14
C TRP A 370 -26.47 7.26 4.62
N GLU A 371 -25.88 8.28 5.22
CA GLU A 371 -25.62 8.27 6.66
C GLU A 371 -26.71 8.96 7.47
N HIS A 372 -27.43 9.91 6.88
CA HIS A 372 -28.51 10.58 7.60
C HIS A 372 -29.68 9.66 7.89
N GLU A 373 -29.74 8.48 7.25
CA GLU A 373 -30.84 7.56 7.49
C GLU A 373 -30.84 7.06 8.94
N ARG A 374 -29.66 6.73 9.46
CA ARG A 374 -29.58 6.26 10.84
C ARG A 374 -29.98 7.33 11.83
N PHE A 375 -29.74 8.61 11.51
CA PHE A 375 -30.19 9.70 12.36
C PHE A 375 -31.69 9.93 12.24
N ALA A 376 -32.22 9.89 11.02
CA ALA A 376 -33.65 10.10 10.82
C ALA A 376 -34.49 8.96 11.37
N ILE A 377 -33.90 7.77 11.52
CA ILE A 377 -34.64 6.66 12.14
C ILE A 377 -35.01 7.00 13.58
N ARG A 378 -34.06 7.55 14.32
CA ARG A 378 -34.31 7.93 15.72
C ARG A 378 -34.85 9.35 15.84
N ARG A 379 -35.87 9.66 15.04
CA ARG A 379 -36.61 10.92 15.08
C ARG A 379 -35.69 12.12 15.29
N LEU A 380 -34.64 12.19 14.48
CA LEU A 380 -33.65 13.24 14.58
C LEU A 380 -33.47 13.90 13.22
N PRO A 381 -33.60 15.22 13.12
CA PRO A 381 -33.46 15.89 11.83
C PRO A 381 -32.05 15.71 11.26
N ALA A 382 -31.98 15.29 10.01
CA ALA A 382 -30.68 15.05 9.39
C ALA A 382 -30.82 15.02 7.87
N PHE A 383 -29.71 15.32 7.19
CA PHE A 383 -29.63 15.19 5.75
C PHE A 383 -28.17 15.05 5.34
N THR A 384 -27.94 14.42 4.19
CA THR A 384 -26.60 14.12 3.72
C THR A 384 -26.24 14.97 2.52
N LEU A 385 -25.01 15.47 2.50
CA LEU A 385 -24.47 16.25 1.39
C LEU A 385 -23.51 15.38 0.60
N SER A 386 -23.67 15.38 -0.71
CA SER A 386 -22.83 14.54 -1.56
C SER A 386 -22.86 15.06 -2.99
N HIS A 387 -21.76 14.87 -3.70
CA HIS A 387 -21.71 15.19 -5.12
C HIS A 387 -22.50 14.18 -5.96
N LEU A 388 -22.85 13.03 -5.39
CA LEU A 388 -23.64 12.04 -6.10
C LEU A 388 -25.09 12.49 -6.21
N GLU A 389 -25.82 11.83 -7.09
CA GLU A 389 -27.24 12.09 -7.26
C GLU A 389 -28.12 10.90 -6.91
N SER A 390 -27.63 9.68 -7.07
CA SER A 390 -28.37 8.48 -6.72
C SER A 390 -27.54 7.62 -5.79
N HIS A 391 -28.17 7.16 -4.70
CA HIS A 391 -27.48 6.29 -3.76
C HIS A 391 -27.08 4.96 -4.37
N ARG A 392 -27.79 4.51 -5.40
CA ARG A 392 -27.48 3.22 -6.01
C ARG A 392 -26.23 3.25 -6.87
N ASP A 393 -25.73 4.45 -7.18
CA ASP A 393 -24.52 4.56 -7.99
C ASP A 393 -23.35 3.90 -7.29
N GLY A 394 -22.51 3.22 -8.07
CA GLY A 394 -21.37 2.52 -7.51
C GLY A 394 -20.11 3.36 -7.47
N GLN A 395 -20.27 4.68 -7.49
CA GLN A 395 -19.11 5.57 -7.46
C GLN A 395 -18.38 5.50 -6.13
N ARG A 396 -19.05 5.03 -5.08
CA ARG A 396 -18.39 4.75 -3.81
C ARG A 396 -17.69 3.39 -3.89
N SER A 397 -17.23 2.90 -2.74
CA SER A 397 -16.38 1.72 -2.69
C SER A 397 -15.10 1.99 -3.48
N SER A 398 -14.99 1.40 -4.67
CA SER A 398 -14.08 1.92 -5.71
C SER A 398 -12.62 1.90 -5.26
N ILE A 399 -12.05 0.71 -5.17
CA ILE A 399 -10.60 0.58 -4.97
C ILE A 399 -9.86 1.42 -6.01
N MET A 400 -10.52 1.71 -7.13
CA MET A 400 -9.96 2.58 -8.16
C MET A 400 -9.84 4.03 -7.70
N ASP A 401 -10.43 4.39 -6.56
CA ASP A 401 -10.42 5.77 -6.07
C ASP A 401 -9.03 6.09 -5.55
N VAL A 402 -8.10 6.30 -6.48
CA VAL A 402 -6.75 6.72 -6.13
C VAL A 402 -6.79 8.18 -5.72
N ARG A 403 -5.70 8.67 -5.11
CA ARG A 403 -5.66 10.05 -4.66
C ARG A 403 -5.87 11.03 -5.81
N SER A 404 -5.40 10.69 -7.00
CA SER A 404 -5.53 11.57 -8.16
C SER A 404 -6.94 11.65 -8.70
N ARG A 405 -7.95 11.09 -8.01
CA ARG A 405 -9.32 11.13 -8.49
C ARG A 405 -10.16 12.20 -7.81
N VAL A 406 -9.66 12.81 -6.74
CA VAL A 406 -10.36 13.90 -6.06
C VAL A 406 -9.63 15.19 -6.38
N ASP A 407 -10.23 15.99 -7.26
CA ASP A 407 -9.60 17.24 -7.67
C ASP A 407 -9.61 18.22 -6.50
N SER A 408 -8.46 18.87 -6.27
CA SER A 408 -8.34 19.78 -5.14
C SER A 408 -9.22 21.01 -5.31
N LYS A 409 -9.35 21.52 -6.54
CA LYS A 409 -10.18 22.69 -6.77
C LYS A 409 -11.65 22.40 -6.45
N THR A 410 -12.16 21.25 -6.90
CA THR A 410 -13.54 20.91 -6.63
C THR A 410 -13.76 20.69 -5.13
N LEU A 411 -12.81 20.06 -4.45
CA LEU A 411 -12.93 19.87 -3.02
C LEU A 411 -12.95 21.20 -2.29
N THR A 412 -12.09 22.14 -2.70
CA THR A 412 -12.08 23.46 -2.08
C THR A 412 -13.39 24.19 -2.31
N ARG A 413 -13.93 24.10 -3.52
CA ARG A 413 -15.20 24.76 -3.80
C ARG A 413 -16.34 24.15 -2.99
N ASN A 414 -16.38 22.81 -2.88
CA ASN A 414 -17.40 22.17 -2.07
C ASN A 414 -17.29 22.58 -0.61
N THR A 415 -16.06 22.63 -0.08
CA THR A 415 -15.87 23.06 1.30
C THR A 415 -16.30 24.50 1.47
N ARG A 416 -16.00 25.37 0.50
CA ARG A 416 -16.45 26.75 0.57
C ARG A 416 -17.97 26.81 0.65
N ILE A 417 -18.66 26.05 -0.21
CA ILE A 417 -20.11 26.08 -0.24
C ILE A 417 -20.69 25.62 1.10
N ILE A 418 -20.22 24.47 1.59
CA ILE A 418 -20.75 23.91 2.83
C ILE A 418 -20.49 24.86 4.00
N ALA A 419 -19.25 25.34 4.11
CA ALA A 419 -18.88 26.20 5.23
C ALA A 419 -19.63 27.51 5.19
N GLU A 420 -19.82 28.10 4.01
CA GLU A 420 -20.57 29.34 3.91
C GLU A 420 -22.05 29.14 4.23
N ALA A 421 -22.65 28.04 3.80
CA ALA A 421 -24.03 27.78 4.19
C ALA A 421 -24.16 27.63 5.70
N LEU A 422 -23.24 26.88 6.31
CA LEU A 422 -23.28 26.71 7.77
C LEU A 422 -23.07 28.05 8.47
N THR A 423 -22.14 28.88 7.97
CA THR A 423 -21.90 30.16 8.59
C THR A 423 -23.12 31.07 8.49
N ARG A 424 -23.78 31.08 7.33
CA ARG A 424 -24.96 31.92 7.17
C ARG A 424 -26.09 31.46 8.08
N VAL A 425 -26.32 30.15 8.16
CA VAL A 425 -27.42 29.68 8.99
C VAL A 425 -27.12 29.85 10.48
N ILE A 426 -25.86 29.64 10.89
CA ILE A 426 -25.50 29.69 12.29
C ILE A 426 -25.55 31.13 12.81
N TYR A 427 -24.98 32.05 12.05
CA TYR A 427 -24.77 33.42 12.53
C TYR A 427 -25.94 34.34 12.23
N ASN A 428 -27.08 33.80 11.81
CA ASN A 428 -28.31 34.56 11.61
C ASN A 428 -28.15 35.65 10.57
N LEU A 429 -27.18 35.47 9.66
CA LEU A 429 -26.82 36.54 8.73
C LEU A 429 -27.96 36.86 7.76
N THR A 430 -28.74 35.84 7.37
CA THR A 430 -29.66 36.00 6.26
C THR A 430 -30.69 37.10 6.54
N GLU A 431 -31.21 37.16 7.76
CA GLU A 431 -32.08 38.25 8.18
C GLU A 431 -31.25 39.31 8.92
N LYS A 432 -30.18 39.73 8.25
CA LYS A 432 -29.39 40.86 8.71
C LYS A 432 -28.84 41.72 7.58
N GLY A 433 -29.21 41.45 6.33
CA GLY A 433 -28.60 42.11 5.20
C GLY A 433 -27.71 41.17 4.41
N THR A 434 -26.41 41.49 4.33
CA THR A 434 -25.34 40.66 3.76
C THR A 434 -25.79 39.93 2.51
N PRO A 435 -25.92 40.64 1.38
CA PRO A 435 -26.44 39.99 0.18
C PRO A 435 -25.57 38.84 -0.25
N PRO A 436 -26.15 37.79 -0.82
CA PRO A 436 -25.37 36.57 -1.11
C PRO A 436 -24.43 36.71 -2.29
N ASP A 437 -24.25 37.92 -2.80
CA ASP A 437 -23.33 38.16 -3.91
C ASP A 437 -21.91 38.46 -3.45
N MET A 438 -21.58 38.17 -2.18
CA MET A 438 -20.23 38.36 -1.69
C MET A 438 -20.03 37.45 -0.49
N PRO A 439 -18.86 36.82 -0.35
CA PRO A 439 -18.70 35.74 0.62
C PRO A 439 -18.21 36.21 1.98
N VAL A 440 -18.16 35.27 2.90
CA VAL A 440 -17.59 35.47 4.23
C VAL A 440 -16.11 35.07 4.26
N PHE A 441 -15.78 33.99 3.55
CA PHE A 441 -14.47 33.34 3.67
C PHE A 441 -13.56 33.80 2.54
N THR A 442 -13.23 35.09 2.57
CA THR A 442 -12.39 35.68 1.53
C THR A 442 -10.91 35.67 1.92
N GLU A 443 -10.59 36.34 3.03
CA GLU A 443 -9.22 36.40 3.52
C GLU A 443 -9.22 36.26 5.02
N GLN A 444 -8.08 35.81 5.55
CA GLN A 444 -7.85 35.63 6.99
C GLN A 444 -8.64 34.45 7.53
N MET A 445 -9.52 33.89 6.71
CA MET A 445 -10.21 32.66 7.05
C MET A 445 -10.38 31.75 5.83
N GLN A 446 -9.63 32.01 4.76
CA GLN A 446 -9.79 31.25 3.53
C GLN A 446 -9.53 29.77 3.78
N ILE A 447 -10.32 28.93 3.12
CA ILE A 447 -10.16 27.48 3.23
C ILE A 447 -8.80 27.11 2.67
N GLN A 448 -7.92 26.63 3.55
CA GLN A 448 -6.53 26.39 3.19
C GLN A 448 -6.44 25.27 2.16
N GLN A 449 -6.10 25.63 0.92
CA GLN A 449 -5.93 24.62 -0.12
C GLN A 449 -4.78 23.67 0.22
N GLU A 450 -3.68 24.21 0.73
CA GLU A 450 -2.54 23.36 1.10
C GLU A 450 -2.93 22.38 2.20
N GLN A 451 -3.68 22.84 3.21
CA GLN A 451 -4.10 21.95 4.29
C GLN A 451 -5.00 20.84 3.77
N LEU A 452 -5.95 21.19 2.89
CA LEU A 452 -6.84 20.18 2.33
C LEU A 452 -6.05 19.16 1.52
N ASP A 453 -5.11 19.62 0.70
CA ASP A 453 -4.30 18.70 -0.09
C ASP A 453 -3.48 17.77 0.79
N SER A 454 -2.86 18.32 1.84
CA SER A 454 -2.04 17.50 2.73
C SER A 454 -2.89 16.49 3.49
N VAL A 455 -4.06 16.91 3.97
CA VAL A 455 -4.94 15.98 4.68
C VAL A 455 -5.38 14.86 3.75
N MET A 456 -5.73 15.21 2.50
CA MET A 456 -6.16 14.20 1.55
C MET A 456 -5.03 13.22 1.25
N ASP A 457 -3.81 13.74 1.11
CA ASP A 457 -2.64 12.88 0.88
C ASP A 457 -2.42 11.94 2.05
N TRP A 458 -2.52 12.46 3.27
CA TRP A 458 -2.34 11.60 4.44
C TRP A 458 -3.41 10.52 4.52
N LEU A 459 -4.67 10.88 4.21
CA LEU A 459 -5.75 9.90 4.25
C LEU A 459 -5.52 8.80 3.23
N THR A 460 -5.10 9.16 2.02
CA THR A 460 -4.88 8.16 0.99
C THR A 460 -3.57 7.40 1.18
N ASN A 461 -2.68 7.90 2.04
CA ASN A 461 -1.35 7.31 2.18
C ASN A 461 -1.42 5.84 2.57
N GLN A 462 -2.38 5.47 3.41
CA GLN A 462 -2.52 4.11 3.89
C GLN A 462 -3.95 3.64 3.71
N PRO A 463 -4.19 2.33 3.62
CA PRO A 463 -5.55 1.84 3.53
C PRO A 463 -6.36 2.26 4.74
N ARG A 464 -7.62 2.61 4.50
CA ARG A 464 -8.51 3.11 5.55
C ARG A 464 -9.69 2.18 5.81
N ALA A 465 -9.62 0.95 5.33
CA ALA A 465 -10.73 0.02 5.52
C ALA A 465 -10.96 -0.22 7.01
N ALA A 466 -12.24 -0.39 7.37
CA ALA A 466 -12.59 -0.53 8.77
C ALA A 466 -12.00 -1.78 9.41
N GLN A 467 -11.62 -2.77 8.61
CA GLN A 467 -11.02 -4.00 9.12
C GLN A 467 -9.52 -3.89 9.32
N LEU A 468 -8.91 -2.78 8.91
CA LEU A 468 -7.47 -2.59 9.05
C LEU A 468 -7.08 -1.42 9.93
N VAL A 469 -7.99 -0.51 10.23
CA VAL A 469 -7.70 0.63 11.10
C VAL A 469 -7.93 0.18 12.53
N ASP A 470 -6.85 -0.09 13.26
CA ASP A 470 -6.95 -0.61 14.61
C ASP A 470 -7.56 0.43 15.54
N LYS A 471 -7.92 -0.02 16.75
CA LYS A 471 -8.41 0.90 17.75
C LYS A 471 -7.31 1.83 18.26
N ASP A 472 -6.05 1.51 17.99
CA ASP A 472 -4.92 2.34 18.41
C ASP A 472 -3.94 2.59 17.28
N SER A 473 -4.38 2.43 16.03
CA SER A 473 -3.49 2.63 14.90
C SER A 473 -3.10 4.10 14.79
N THR A 474 -1.99 4.35 14.06
CA THR A 474 -1.51 5.72 13.92
C THR A 474 -2.49 6.58 13.13
N PHE A 475 -3.31 5.97 12.28
CA PHE A 475 -4.35 6.72 11.59
C PHE A 475 -5.34 7.31 12.58
N LEU A 476 -5.89 6.46 13.45
CA LEU A 476 -6.84 6.94 14.44
C LEU A 476 -6.19 7.91 15.42
N SER A 477 -4.96 7.63 15.84
CA SER A 477 -4.30 8.52 16.79
C SER A 477 -4.06 9.89 16.17
N THR A 478 -3.63 9.92 14.91
CA THR A 478 -3.41 11.21 14.24
C THR A 478 -4.72 11.95 14.03
N LEU A 479 -5.79 11.22 13.68
CA LEU A 479 -7.09 11.86 13.55
C LEU A 479 -7.55 12.45 14.87
N GLU A 480 -7.38 11.71 15.97
CA GLU A 480 -7.77 12.22 17.28
C GLU A 480 -6.96 13.44 17.66
N HIS A 481 -5.65 13.43 17.38
CA HIS A 481 -4.82 14.60 17.66
C HIS A 481 -5.26 15.80 16.83
N HIS A 482 -5.53 15.58 15.55
CA HIS A 482 -5.95 16.68 14.68
C HIS A 482 -7.26 17.29 15.15
N LEU A 483 -8.21 16.44 15.57
CA LEU A 483 -9.46 16.95 16.09
C LEU A 483 -9.26 17.61 17.46
N SER A 484 -8.30 17.11 18.23
CA SER A 484 -8.08 17.64 19.58
C SER A 484 -7.40 19.00 19.54
N ARG A 485 -6.64 19.29 18.49
CA ARG A 485 -6.01 20.60 18.41
C ARG A 485 -6.99 21.72 18.08
N TYR A 486 -8.21 21.37 17.67
CA TYR A 486 -9.22 22.36 17.30
C TYR A 486 -10.52 22.24 18.08
N LEU A 487 -10.82 21.10 18.67
CA LEU A 487 -12.09 20.88 19.33
C LEU A 487 -11.88 20.77 20.85
N LYS A 488 -12.97 20.46 21.55
CA LYS A 488 -12.95 20.25 22.99
C LYS A 488 -13.66 18.95 23.32
N ASP A 489 -13.21 18.31 24.41
CA ASP A 489 -13.81 17.08 24.92
C ASP A 489 -13.73 15.94 23.90
N VAL A 490 -12.63 15.87 23.16
CA VAL A 490 -12.46 14.81 22.16
C VAL A 490 -12.23 13.49 22.87
N LYS A 491 -12.94 12.45 22.42
CA LYS A 491 -12.80 11.12 22.98
C LYS A 491 -12.91 10.10 21.86
N GLN A 492 -13.07 8.82 22.22
CA GLN A 492 -13.07 7.72 21.25
C GLN A 492 -14.14 6.68 21.66
N HIS A 493 -15.28 6.73 21.00
CA HIS A 493 -16.30 5.71 21.24
C HIS A 493 -15.95 4.42 20.52
N HIS A 494 -16.38 3.29 21.10
CA HIS A 494 -16.10 1.97 20.54
C HIS A 494 -17.34 1.11 20.60
N VAL A 495 -17.56 0.30 19.57
CA VAL A 495 -18.61 -0.72 19.55
C VAL A 495 -17.96 -2.07 19.30
N LYS A 496 -18.21 -3.03 20.19
CA LYS A 496 -17.47 -4.27 20.08
C LYS A 496 -18.10 -5.25 19.10
N ALA A 497 -19.16 -5.96 19.53
CA ALA A 497 -20.01 -6.67 18.59
C ALA A 497 -21.43 -6.85 19.11
N ASP A 498 -21.74 -6.37 20.32
CA ASP A 498 -22.95 -6.68 21.08
C ASP A 498 -22.97 -8.15 21.50
N LYS A 499 -22.04 -8.94 20.99
CA LYS A 499 -21.81 -10.33 21.40
C LYS A 499 -23.05 -11.22 21.30
N ARG A 500 -24.13 -10.71 20.72
CA ARG A 500 -25.38 -11.46 20.55
C ARG A 500 -25.99 -11.03 19.23
N ASP A 501 -26.16 -12.00 18.32
CA ASP A 501 -26.50 -11.70 16.93
C ASP A 501 -25.51 -10.67 16.41
N PRO A 502 -24.25 -11.06 16.17
CA PRO A 502 -23.21 -10.08 15.85
C PRO A 502 -23.58 -9.13 14.73
N GLU A 503 -23.65 -7.84 15.05
CA GLU A 503 -23.96 -6.83 14.05
C GLU A 503 -22.93 -6.84 12.94
N PHE A 504 -21.69 -7.18 13.26
CA PHE A 504 -20.60 -7.24 12.29
C PHE A 504 -19.49 -8.07 12.87
N VAL A 505 -18.90 -8.94 12.05
CA VAL A 505 -17.69 -9.64 12.44
C VAL A 505 -16.69 -9.61 11.30
N PHE A 506 -15.75 -8.67 11.36
CA PHE A 506 -14.71 -8.61 10.34
C PHE A 506 -13.77 -9.79 10.48
N TYR A 507 -13.30 -10.30 9.34
CA TYR A 507 -12.41 -11.45 9.33
C TYR A 507 -10.99 -11.01 9.00
N ASP A 508 -10.05 -11.93 9.16
CA ASP A 508 -8.63 -11.65 9.04
C ASP A 508 -8.04 -12.42 7.87
N GLN A 509 -6.70 -12.38 7.77
CA GLN A 509 -5.96 -12.95 6.65
C GLN A 509 -6.37 -12.29 5.33
N LEU A 510 -6.15 -10.99 5.27
CA LEU A 510 -6.45 -10.19 4.08
C LEU A 510 -5.21 -9.85 3.28
N LYS A 511 -4.02 -10.04 3.83
CA LYS A 511 -2.79 -9.68 3.13
C LYS A 511 -1.85 -10.89 3.06
N GLN A 512 -2.39 -12.03 2.66
CA GLN A 512 -1.58 -13.23 2.57
C GLN A 512 -0.51 -13.08 1.49
N VAL A 513 0.62 -13.75 1.71
CA VAL A 513 1.69 -13.81 0.72
C VAL A 513 1.59 -15.13 -0.02
N MET A 514 1.66 -15.08 -1.34
CA MET A 514 1.46 -16.24 -2.19
C MET A 514 2.71 -16.53 -2.98
N ASN A 515 3.03 -17.82 -3.12
CA ASN A 515 4.25 -18.27 -3.77
C ASN A 515 3.94 -18.82 -5.15
N ALA A 516 4.73 -18.42 -6.14
CA ALA A 516 4.55 -18.88 -7.52
C ALA A 516 5.61 -19.95 -7.81
N TYR A 517 5.28 -21.18 -7.45
CA TYR A 517 6.21 -22.29 -7.62
C TYR A 517 6.13 -22.83 -9.05
N ARG A 518 7.28 -22.87 -9.72
CA ARG A 518 7.37 -23.56 -10.99
C ARG A 518 7.25 -25.06 -10.79
N VAL A 519 6.54 -25.73 -11.71
CA VAL A 519 6.33 -27.17 -11.60
C VAL A 519 5.99 -27.70 -12.98
N LYS A 520 6.27 -28.98 -13.20
CA LYS A 520 5.93 -29.67 -14.44
C LYS A 520 5.23 -30.98 -14.09
N PRO A 521 4.35 -31.47 -14.95
CA PRO A 521 3.61 -32.70 -14.66
C PRO A 521 4.55 -33.91 -14.67
N ALA A 522 4.02 -35.02 -14.15
CA ALA A 522 4.80 -36.25 -14.04
C ALA A 522 5.10 -36.87 -15.40
N VAL A 523 4.36 -36.51 -16.45
CA VAL A 523 4.60 -37.10 -17.77
C VAL A 523 5.93 -36.62 -18.35
N PHE A 524 6.24 -35.33 -18.17
CA PHE A 524 7.57 -34.84 -18.50
C PHE A 524 8.64 -35.67 -17.82
N ASP A 525 8.43 -35.97 -16.54
CA ASP A 525 9.49 -36.61 -15.77
C ASP A 525 9.57 -38.08 -16.15
N LEU A 526 8.45 -38.68 -16.60
CA LEU A 526 8.49 -40.01 -17.21
C LEU A 526 9.33 -40.01 -18.47
N LEU A 527 9.19 -38.96 -19.29
CA LEU A 527 10.08 -38.82 -20.44
C LEU A 527 11.53 -38.72 -20.00
N LEU A 528 11.79 -37.96 -18.94
CA LEU A 528 13.14 -37.89 -18.39
C LEU A 528 13.62 -39.24 -17.89
N ALA A 529 12.73 -40.04 -17.33
CA ALA A 529 13.10 -41.38 -16.86
C ALA A 529 13.51 -42.27 -18.04
N VAL A 530 12.76 -42.21 -19.14
CA VAL A 530 13.17 -42.95 -20.32
C VAL A 530 14.54 -42.46 -20.81
N GLY A 531 14.74 -41.16 -20.78
CA GLY A 531 16.03 -40.61 -21.18
C GLY A 531 17.18 -41.11 -20.30
N ILE A 532 16.98 -41.12 -18.98
CA ILE A 532 18.05 -41.56 -18.10
C ILE A 532 18.27 -43.07 -18.23
N ALA A 533 17.21 -43.83 -18.52
CA ALA A 533 17.41 -45.25 -18.81
C ALA A 533 18.25 -45.45 -20.05
N ALA A 534 18.01 -44.65 -21.09
CA ALA A 534 18.85 -44.70 -22.28
C ALA A 534 20.29 -44.33 -21.94
N TYR A 535 20.47 -43.31 -21.10
CA TYR A 535 21.81 -42.90 -20.69
C TYR A 535 22.52 -44.02 -19.93
N LEU A 536 21.80 -44.70 -19.04
CA LEU A 536 22.39 -45.80 -18.29
C LEU A 536 22.76 -46.96 -19.20
N GLY A 537 21.92 -47.26 -20.19
CA GLY A 537 22.28 -48.28 -21.16
C GLY A 537 23.53 -47.91 -21.95
N MET A 538 23.61 -46.65 -22.37
CA MET A 538 24.81 -46.19 -23.07
C MET A 538 26.05 -46.30 -22.19
N ALA A 539 25.93 -45.94 -20.91
CA ALA A 539 27.05 -46.06 -19.99
C ALA A 539 27.46 -47.50 -19.79
N TYR A 540 26.48 -48.41 -19.70
CA TYR A 540 26.78 -49.83 -19.57
C TYR A 540 27.53 -50.34 -20.78
N VAL A 541 27.12 -49.93 -21.98
CA VAL A 541 27.82 -50.35 -23.19
C VAL A 541 29.22 -49.74 -23.24
N ALA A 542 29.36 -48.52 -22.74
CA ALA A 542 30.60 -47.76 -22.92
C ALA A 542 31.79 -48.42 -22.25
N VAL A 543 31.58 -49.17 -21.16
CA VAL A 543 32.71 -49.81 -20.48
C VAL A 543 33.37 -50.83 -21.40
N GLN A 544 32.57 -51.73 -21.98
CA GLN A 544 33.12 -52.71 -22.90
C GLN A 544 33.60 -52.06 -24.19
N HIS A 545 32.93 -50.99 -24.63
CA HIS A 545 33.39 -50.28 -25.83
C HIS A 545 34.78 -49.71 -25.62
N PHE A 546 35.02 -49.08 -24.46
CA PHE A 546 36.33 -48.52 -24.16
C PHE A 546 37.36 -49.62 -23.94
N SER A 547 36.97 -50.74 -23.35
CA SER A 547 37.90 -51.86 -23.20
C SER A 547 38.34 -52.37 -24.56
N LEU A 548 37.40 -52.52 -25.50
CA LEU A 548 37.75 -52.97 -26.85
C LEU A 548 38.62 -51.94 -27.55
N LEU A 549 38.31 -50.65 -27.39
CA LEU A 549 39.12 -49.60 -28.02
C LEU A 549 40.55 -49.62 -27.49
N TYR A 550 40.71 -49.77 -26.17
CA TYR A 550 42.05 -49.82 -25.58
C TYR A 550 42.79 -51.07 -26.04
N LYS A 551 42.10 -52.20 -26.14
CA LYS A 551 42.74 -53.41 -26.65
C LYS A 551 43.21 -53.23 -28.09
N THR A 552 42.38 -52.59 -28.92
CA THR A 552 42.76 -52.35 -30.31
C THR A 552 43.96 -51.41 -30.39
N VAL A 553 43.94 -50.34 -29.60
CA VAL A 553 45.01 -49.35 -29.57
C VAL A 553 45.29 -48.78 -30.96
N TYR B 128 -27.85 55.47 9.17
CA TYR B 128 -28.81 55.13 10.23
C TYR B 128 -29.03 53.62 10.30
N GLY B 129 -28.03 52.91 10.80
CA GLY B 129 -28.10 51.47 10.97
C GLY B 129 -27.28 51.05 12.17
N THR B 130 -26.69 49.87 12.09
CA THR B 130 -25.86 49.35 13.15
C THR B 130 -24.62 48.70 12.57
N VAL B 131 -23.51 48.78 13.31
CA VAL B 131 -22.28 48.10 12.93
C VAL B 131 -21.94 47.06 14.00
N SER B 132 -22.40 45.84 13.81
CA SER B 132 -22.21 44.78 14.78
C SER B 132 -21.15 43.80 14.30
N SER B 133 -20.66 42.98 15.23
CA SER B 133 -19.70 41.95 14.92
C SER B 133 -20.43 40.74 14.34
N LEU B 134 -19.73 39.62 14.18
CA LEU B 134 -20.34 38.46 13.55
C LEU B 134 -21.46 37.88 14.40
N ASN B 135 -21.21 37.70 15.70
CA ASN B 135 -22.21 37.08 16.55
C ASN B 135 -23.36 38.03 16.89
N GLY B 136 -23.08 39.32 17.01
CA GLY B 136 -24.10 40.29 17.37
C GLY B 136 -23.60 41.31 18.37
N GLU B 137 -22.35 41.15 18.80
CA GLU B 137 -21.77 42.10 19.74
C GLU B 137 -21.58 43.45 19.05
N PRO B 138 -22.11 44.54 19.60
CA PRO B 138 -21.96 45.86 18.96
C PRO B 138 -20.52 46.35 19.07
N GLU B 139 -19.86 46.49 17.92
CA GLU B 139 -18.50 47.00 17.89
C GLU B 139 -18.48 48.48 18.23
N GLN B 140 -17.39 48.92 18.84
CA GLN B 140 -17.22 50.29 19.30
C GLN B 140 -15.96 50.89 18.70
N GLY B 141 -16.02 52.19 18.43
CA GLY B 141 -14.87 52.90 17.90
C GLY B 141 -14.56 52.63 16.44
N VAL B 142 -15.53 52.17 15.66
CA VAL B 142 -15.34 51.91 14.25
C VAL B 142 -15.70 53.16 13.45
N ALA B 143 -14.78 53.60 12.60
CA ALA B 143 -15.01 54.79 11.79
C ALA B 143 -16.06 54.49 10.73
N MET B 144 -17.01 55.41 10.58
CA MET B 144 -18.10 55.26 9.61
C MET B 144 -18.23 56.55 8.81
N GLU B 145 -18.28 56.41 7.49
CA GLU B 145 -18.45 57.56 6.60
C GLU B 145 -19.22 57.11 5.36
N ALA B 146 -19.62 58.08 4.54
CA ALA B 146 -20.33 57.80 3.30
C ALA B 146 -19.65 58.59 2.19
N VAL B 147 -19.08 57.88 1.23
CA VAL B 147 -18.40 58.49 0.09
C VAL B 147 -19.33 58.48 -1.11
N GLY B 148 -19.57 59.66 -1.68
CA GLY B 148 -20.43 59.75 -2.84
C GLY B 148 -19.72 59.43 -4.13
N GLN B 149 -20.50 59.29 -5.19
CA GLN B 149 -20.02 59.00 -6.53
C GLN B 149 -20.56 60.05 -7.50
N ASN B 150 -20.20 59.89 -8.77
CA ASN B 150 -20.60 60.81 -9.85
C ASN B 150 -20.12 62.21 -9.46
N ASP B 151 -20.94 63.25 -9.68
CA ASP B 151 -20.55 64.59 -9.29
C ASP B 151 -20.51 64.78 -7.78
N CYS B 152 -21.22 63.93 -7.03
CA CYS B 152 -21.30 64.06 -5.59
C CYS B 152 -20.11 63.43 -4.85
N SER B 153 -19.02 63.13 -5.56
CA SER B 153 -17.86 62.54 -4.92
C SER B 153 -17.20 63.50 -3.93
N ILE B 154 -17.45 64.80 -4.06
CA ILE B 154 -16.83 65.78 -3.17
C ILE B 154 -17.57 65.95 -1.85
N TYR B 155 -18.77 65.39 -1.73
CA TYR B 155 -19.57 65.49 -0.52
C TYR B 155 -19.44 64.22 0.31
N GLY B 156 -19.38 64.38 1.63
CA GLY B 156 -19.29 63.25 2.53
C GLY B 156 -18.61 63.57 3.85
N GLU B 157 -19.16 63.05 4.94
CA GLU B 157 -18.62 63.26 6.28
C GLU B 157 -18.43 61.91 6.95
N ASP B 158 -17.78 61.91 8.11
CA ASP B 158 -17.52 60.69 8.86
C ASP B 158 -18.05 60.82 10.28
N THR B 159 -18.17 59.69 10.95
CA THR B 159 -18.67 59.64 12.32
C THR B 159 -18.23 58.34 12.97
N VAL B 160 -17.54 58.45 14.09
CA VAL B 160 -17.12 57.28 14.85
C VAL B 160 -18.33 56.73 15.60
N THR B 161 -18.60 55.45 15.43
CA THR B 161 -19.77 54.85 16.04
C THR B 161 -19.62 54.77 17.56
N ASP B 162 -20.76 54.71 18.24
CA ASP B 162 -20.79 54.68 19.69
C ASP B 162 -20.76 53.24 20.19
N GLU B 163 -21.01 53.06 21.49
CA GLU B 163 -20.97 51.72 22.07
C GLU B 163 -22.06 50.83 21.47
N GLU B 164 -23.26 51.37 21.28
CA GLU B 164 -24.35 50.59 20.72
C GLU B 164 -24.13 50.25 19.25
N GLY B 165 -23.23 50.95 18.58
CA GLY B 165 -23.07 50.77 17.14
C GLY B 165 -24.02 51.60 16.32
N LYS B 166 -24.59 52.65 16.91
CA LYS B 166 -25.56 53.53 16.27
C LYS B 166 -24.82 54.76 15.76
N PHE B 167 -24.47 54.74 14.48
CA PHE B 167 -23.80 55.89 13.88
C PHE B 167 -24.83 56.93 13.45
N ARG B 168 -24.40 58.20 13.45
CA ARG B 168 -25.31 59.32 13.23
C ARG B 168 -24.90 60.15 12.03
N LEU B 169 -24.66 59.49 10.89
CA LEU B 169 -24.20 60.19 9.70
C LEU B 169 -25.19 61.28 9.29
N ARG B 170 -24.66 62.43 8.89
CA ARG B 170 -25.47 63.57 8.48
C ARG B 170 -25.07 64.05 7.09
N GLY B 171 -25.59 65.21 6.69
CA GLY B 171 -25.34 65.70 5.34
C GLY B 171 -26.24 65.03 4.33
N LEU B 172 -27.56 65.22 4.49
CA LEU B 172 -28.56 64.52 3.69
C LEU B 172 -28.90 65.36 2.47
N LEU B 173 -28.14 65.13 1.39
CA LEU B 173 -28.42 65.77 0.12
C LEU B 173 -28.98 64.74 -0.86
N PRO B 174 -30.20 64.92 -1.35
CA PRO B 174 -30.77 63.93 -2.27
C PRO B 174 -30.15 63.99 -3.66
N GLY B 175 -30.60 63.13 -4.56
CA GLY B 175 -30.15 63.13 -5.93
C GLY B 175 -28.85 62.39 -6.18
N CYS B 176 -28.29 61.72 -5.17
CA CYS B 176 -27.05 60.97 -5.34
C CYS B 176 -27.07 59.77 -4.41
N VAL B 177 -26.55 58.64 -4.92
CA VAL B 177 -26.46 57.43 -4.12
C VAL B 177 -25.24 57.51 -3.21
N TYR B 178 -25.34 56.87 -2.04
CA TYR B 178 -24.29 56.90 -1.04
C TYR B 178 -23.63 55.54 -0.92
N HIS B 179 -22.43 55.53 -0.34
CA HIS B 179 -21.65 54.31 -0.15
C HIS B 179 -21.04 54.35 1.25
N VAL B 180 -21.64 53.63 2.19
CA VAL B 180 -21.09 53.52 3.52
C VAL B 180 -20.03 52.42 3.53
N GLN B 181 -18.83 52.76 3.99
CA GLN B 181 -17.69 51.86 3.92
C GLN B 181 -16.65 52.33 4.93
N LEU B 182 -15.68 51.46 5.20
CA LEU B 182 -14.78 51.67 6.34
C LEU B 182 -13.59 52.55 5.95
N LYS B 183 -13.34 53.59 6.76
CA LYS B 183 -12.24 54.50 6.49
C LYS B 183 -10.92 53.73 6.51
N ALA B 184 -10.02 54.10 5.58
CA ALA B 184 -8.72 53.45 5.52
C ALA B 184 -7.89 53.74 6.76
N GLU B 185 -7.91 54.99 7.22
CA GLU B 185 -7.15 55.40 8.40
C GLU B 185 -8.06 55.41 9.63
N GLY B 186 -7.47 55.12 10.79
CA GLY B 186 -8.23 55.02 12.02
C GLY B 186 -8.94 53.70 12.23
N ASN B 187 -8.71 52.71 11.35
CA ASN B 187 -9.36 51.41 11.42
C ASN B 187 -8.32 50.30 11.31
N ASP B 188 -7.21 50.46 12.04
CA ASP B 188 -6.12 49.49 11.95
C ASP B 188 -6.49 48.17 12.60
N HIS B 189 -7.12 48.22 13.78
CA HIS B 189 -7.43 47.00 14.52
C HIS B 189 -8.48 46.14 13.82
N ILE B 190 -9.26 46.71 12.93
CA ILE B 190 -10.40 46.03 12.31
C ILE B 190 -10.03 45.66 10.88
N GLU B 191 -10.23 44.39 10.53
CA GLU B 191 -9.67 43.81 9.32
C GLU B 191 -10.58 43.93 8.11
N ARG B 192 -11.83 43.47 8.21
CA ARG B 192 -12.73 43.46 7.07
C ARG B 192 -14.08 44.06 7.46
N ALA B 193 -14.84 44.43 6.42
CA ALA B 193 -16.25 44.76 6.53
C ALA B 193 -16.95 43.90 5.48
N LEU B 194 -17.65 42.86 5.94
CA LEU B 194 -18.16 41.85 5.01
C LEU B 194 -19.05 42.44 3.92
N PRO B 195 -20.06 43.26 4.23
CA PRO B 195 -20.68 44.05 3.16
C PRO B 195 -19.89 45.33 2.92
N HIS B 196 -18.86 45.23 2.08
CA HIS B 196 -17.88 46.30 1.93
C HIS B 196 -18.54 47.64 1.69
N HIS B 197 -19.52 47.68 0.79
CA HIS B 197 -20.30 48.90 0.56
C HIS B 197 -21.78 48.53 0.51
N ARG B 198 -22.62 49.49 0.86
CA ARG B 198 -24.06 49.31 0.86
C ARG B 198 -24.69 50.37 -0.02
N VAL B 199 -25.23 49.94 -1.17
CA VAL B 199 -25.92 50.88 -2.06
C VAL B 199 -27.26 51.23 -1.43
N ILE B 200 -27.50 52.53 -1.26
CA ILE B 200 -28.73 53.02 -0.66
C ILE B 200 -29.27 54.16 -1.53
N GLU B 201 -30.53 54.05 -1.93
CA GLU B 201 -31.16 55.07 -2.75
C GLU B 201 -31.67 56.20 -1.88
N VAL B 202 -31.26 57.42 -2.18
CA VAL B 202 -31.64 58.60 -1.41
C VAL B 202 -32.81 59.24 -2.14
N GLY B 203 -34.01 59.03 -1.60
CA GLY B 203 -35.23 59.61 -2.13
C GLY B 203 -35.66 60.84 -1.36
N ASN B 204 -36.98 61.01 -1.23
CA ASN B 204 -37.54 62.11 -0.47
C ASN B 204 -37.76 61.73 0.99
N ASN B 205 -36.72 61.19 1.62
CA ASN B 205 -36.75 60.73 2.99
C ASN B 205 -35.34 60.40 3.42
N ASP B 206 -35.20 59.86 4.63
CA ASP B 206 -33.91 59.43 5.15
C ASP B 206 -33.73 57.94 4.93
N ILE B 207 -32.51 57.45 5.17
CA ILE B 207 -32.20 56.04 5.04
C ILE B 207 -32.31 55.40 6.42
N ASP B 208 -32.56 54.09 6.43
CA ASP B 208 -32.73 53.37 7.68
C ASP B 208 -32.30 51.92 7.49
N ASP B 209 -31.96 51.27 8.60
CA ASP B 209 -31.60 49.85 8.63
C ASP B 209 -30.42 49.56 7.70
N VAL B 210 -29.29 50.19 8.02
CA VAL B 210 -28.05 49.96 7.28
C VAL B 210 -27.10 49.19 8.18
N ASN B 211 -27.10 47.87 8.06
CA ASN B 211 -26.32 46.99 8.92
C ASN B 211 -25.12 46.45 8.16
N ILE B 212 -23.94 46.59 8.76
CA ILE B 212 -22.72 46.01 8.21
C ILE B 212 -22.03 45.23 9.32
N ILE B 213 -21.63 44.01 9.02
CA ILE B 213 -20.91 43.17 9.97
C ILE B 213 -19.41 43.28 9.66
N VAL B 214 -18.60 43.24 10.71
CA VAL B 214 -17.16 43.46 10.57
C VAL B 214 -16.40 42.41 11.38
N PHE B 215 -15.18 42.14 10.94
CA PHE B 215 -14.29 41.18 11.59
C PHE B 215 -13.08 41.92 12.14
N ARG B 216 -12.59 41.47 13.29
CA ARG B 216 -11.36 42.02 13.83
C ARG B 216 -10.17 41.43 13.08
N GLN B 217 -8.97 41.88 13.43
CA GLN B 217 -7.74 41.43 12.78
C GLN B 217 -7.05 40.42 13.68
N ILE B 218 -7.23 39.14 13.38
CA ILE B 218 -6.51 38.09 14.11
C ILE B 218 -5.03 38.21 13.82
N ASN B 219 -4.22 38.11 14.88
CA ASN B 219 -2.78 38.27 14.78
C ASN B 219 -2.00 36.97 14.92
N GLN B 220 -2.62 35.90 15.43
CA GLN B 220 -1.90 34.65 15.59
C GLN B 220 -1.66 33.99 14.24
N PHE B 221 -0.72 33.04 14.23
CA PHE B 221 -0.34 32.34 13.01
C PHE B 221 -0.95 30.96 12.89
N ASP B 222 -1.18 30.26 14.00
CA ASP B 222 -1.83 28.95 14.00
C ASP B 222 -1.14 27.98 13.04
N LEU B 223 0.11 27.67 13.37
CA LEU B 223 0.90 26.76 12.56
C LEU B 223 0.36 25.34 12.65
N SER B 224 0.61 24.56 11.60
CA SER B 224 0.20 23.17 11.56
C SER B 224 1.15 22.42 10.64
N GLY B 225 0.79 21.18 10.28
CA GLY B 225 1.56 20.44 9.31
C GLY B 225 1.76 18.98 9.64
N ASN B 226 1.41 18.10 8.70
CA ASN B 226 1.55 16.67 8.90
C ASN B 226 2.98 16.23 8.60
N VAL B 227 3.27 14.97 8.92
CA VAL B 227 4.56 14.35 8.63
C VAL B 227 4.29 13.04 7.92
N ILE B 228 4.99 12.80 6.82
CA ILE B 228 4.86 11.59 6.03
C ILE B 228 6.03 10.68 6.37
N THR B 229 5.75 9.59 7.09
CA THR B 229 6.78 8.64 7.47
C THR B 229 6.11 7.33 7.86
N SER B 230 6.93 6.29 8.02
CA SER B 230 6.42 5.02 8.50
C SER B 230 6.03 5.13 9.97
N SER B 231 5.19 4.17 10.41
CA SER B 231 4.68 4.22 11.78
C SER B 231 5.79 4.04 12.80
N GLU B 232 6.72 3.11 12.54
CA GLU B 232 7.72 2.77 13.55
C GLU B 232 8.73 3.90 13.77
N TYR B 233 8.95 4.74 12.76
CA TYR B 233 9.88 5.86 12.92
C TYR B 233 9.26 7.05 13.64
N LEU B 234 7.94 7.08 13.77
CA LEU B 234 7.28 8.23 14.38
C LEU B 234 7.70 8.49 15.83
N PRO B 235 7.78 7.51 16.72
CA PRO B 235 8.14 7.82 18.11
C PRO B 235 9.54 8.42 18.27
N THR B 236 10.42 8.23 17.29
CA THR B 236 11.80 8.70 17.37
C THR B 236 12.02 10.02 16.63
N LEU B 237 11.03 10.91 16.64
CA LEU B 237 11.09 12.16 15.91
C LEU B 237 10.65 13.31 16.79
N TRP B 238 11.34 14.44 16.71
CA TRP B 238 10.84 15.69 17.28
C TRP B 238 11.08 16.80 16.25
N VAL B 239 10.00 17.40 15.77
CA VAL B 239 10.13 18.53 14.87
C VAL B 239 10.59 19.76 15.64
N LYS B 240 11.31 20.65 14.95
CA LYS B 240 11.87 21.84 15.56
C LYS B 240 11.28 23.09 14.93
N LEU B 241 11.60 24.24 15.51
CA LEU B 241 11.21 25.54 14.97
C LEU B 241 12.39 26.49 15.00
N TYR B 242 13.55 26.03 14.53
CA TYR B 242 14.77 26.83 14.49
C TYR B 242 14.53 28.16 13.82
N LYS B 243 14.79 29.24 14.55
CA LYS B 243 14.73 30.56 13.95
C LYS B 243 15.86 30.70 12.93
N SER B 244 15.60 31.50 11.89
CA SER B 244 16.54 31.59 10.77
C SER B 244 17.88 32.17 11.21
N GLU B 245 17.85 33.21 12.04
CA GLU B 245 19.06 33.93 12.43
C GLU B 245 20.01 33.03 13.22
N ASN B 246 19.47 32.02 13.89
CA ASN B 246 20.30 31.11 14.67
C ASN B 246 19.69 29.71 14.57
N LEU B 247 20.35 28.82 13.84
CA LEU B 247 19.89 27.45 13.68
C LEU B 247 20.36 26.54 14.80
N ASP B 248 20.93 27.11 15.86
CA ASP B 248 21.40 26.34 17.01
C ASP B 248 20.60 26.59 18.28
N ASN B 249 19.58 27.46 18.23
CA ASN B 249 18.76 27.79 19.40
C ASN B 249 17.28 27.65 19.02
N PRO B 250 16.74 26.45 19.09
CA PRO B 250 15.31 26.27 18.79
C PRO B 250 14.44 27.03 19.78
N ILE B 251 13.28 27.48 19.29
CA ILE B 251 12.31 28.15 20.14
C ILE B 251 11.11 27.28 20.46
N GLN B 252 10.93 26.15 19.77
CA GLN B 252 9.84 25.23 20.06
C GLN B 252 10.25 23.84 19.60
N THR B 253 9.93 22.84 20.43
CA THR B 253 10.35 21.47 20.15
C THR B 253 9.21 20.49 20.38
N VAL B 254 8.03 20.76 19.81
CA VAL B 254 6.88 19.89 19.98
C VAL B 254 7.21 18.50 19.46
N SER B 255 7.14 17.50 20.32
CA SER B 255 7.41 16.13 19.90
C SER B 255 6.21 15.54 19.18
N LEU B 256 6.47 14.80 18.11
CA LEU B 256 5.39 14.18 17.36
C LEU B 256 4.71 13.10 18.18
N GLY B 257 5.48 12.31 18.93
CA GLY B 257 4.91 11.26 19.75
C GLY B 257 4.33 10.13 18.93
N GLN B 258 3.01 10.00 18.93
CA GLN B 258 2.33 8.95 18.17
C GLN B 258 1.40 9.53 17.11
N SER B 259 1.37 10.84 16.94
CA SER B 259 0.44 11.50 16.02
C SER B 259 1.21 12.17 14.89
N LEU B 260 0.76 11.95 13.66
CA LEU B 260 1.41 12.52 12.48
C LEU B 260 0.90 13.93 12.19
N PHE B 261 0.91 14.79 13.21
CA PHE B 261 0.45 16.16 13.03
C PHE B 261 0.99 16.99 14.17
N PHE B 262 1.84 17.97 13.86
CA PHE B 262 2.32 18.91 14.85
C PHE B 262 1.57 20.22 14.74
N HIS B 263 1.36 20.87 15.89
CA HIS B 263 0.52 22.05 15.98
C HIS B 263 1.20 23.12 16.81
N PHE B 264 2.43 23.49 16.43
CA PHE B 264 3.25 24.49 17.11
C PHE B 264 2.39 25.64 17.60
N PRO B 265 2.55 26.05 18.85
CA PRO B 265 1.69 27.09 19.40
C PRO B 265 1.77 28.36 18.57
N PRO B 266 0.68 29.12 18.48
CA PRO B 266 0.60 30.23 17.53
C PRO B 266 1.71 31.26 17.68
N LEU B 267 2.25 31.69 16.55
CA LEU B 267 3.29 32.71 16.51
C LEU B 267 2.72 34.03 16.01
N LEU B 268 3.52 35.08 16.13
CA LEU B 268 3.16 36.36 15.55
C LEU B 268 3.69 36.45 14.12
N ARG B 269 2.99 37.20 13.29
CA ARG B 269 3.26 37.25 11.85
C ARG B 269 3.86 38.62 11.50
N ASP B 270 5.18 38.69 11.42
CA ASP B 270 5.85 39.87 10.87
C ASP B 270 7.21 39.41 10.36
N GLY B 271 7.31 39.17 9.05
CA GLY B 271 8.50 38.60 8.46
C GLY B 271 8.90 37.30 9.16
N GLU B 272 10.07 37.32 9.82
CA GLU B 272 10.49 36.26 10.72
C GLU B 272 10.56 34.91 10.00
N ASN B 273 11.50 34.83 9.07
CA ASN B 273 11.79 33.57 8.41
C ASN B 273 12.12 32.49 9.44
N TYR B 274 11.57 31.31 9.26
CA TYR B 274 11.72 30.21 10.22
C TYR B 274 12.21 28.96 9.51
N VAL B 275 12.46 27.92 10.30
CA VAL B 275 12.88 26.60 9.81
C VAL B 275 12.06 25.55 10.55
N VAL B 276 11.88 24.39 9.91
CA VAL B 276 11.11 23.31 10.51
C VAL B 276 11.97 22.05 10.50
N LEU B 277 13.28 22.21 10.63
CA LEU B 277 14.20 21.07 10.64
C LEU B 277 13.68 19.95 11.52
N LEU B 278 13.52 18.77 10.92
CA LEU B 278 12.99 17.61 11.62
C LEU B 278 14.15 16.89 12.28
N ASP B 279 14.33 17.13 13.58
CA ASP B 279 15.49 16.62 14.32
C ASP B 279 15.09 15.31 15.01
N SER B 280 15.36 14.20 14.34
CA SER B 280 15.05 12.90 14.90
C SER B 280 16.14 12.45 15.85
N THR B 281 15.79 11.50 16.71
CA THR B 281 16.74 10.90 17.63
C THR B 281 17.49 9.71 17.05
N LEU B 282 17.07 9.23 15.88
CA LEU B 282 17.67 8.05 15.27
C LEU B 282 19.03 8.41 14.70
N PRO B 283 20.10 7.81 15.20
CA PRO B 283 21.44 8.18 14.75
C PRO B 283 21.81 7.48 13.45
N ARG B 284 22.91 7.94 12.85
CA ARG B 284 23.40 7.33 11.62
C ARG B 284 24.07 5.98 11.86
N SER B 285 24.31 5.60 13.11
CA SER B 285 25.02 4.37 13.40
C SER B 285 24.23 3.12 13.01
N GLN B 286 22.90 3.21 12.93
CA GLN B 286 22.08 2.06 12.60
C GLN B 286 21.11 2.31 11.46
N TYR B 287 21.04 3.51 10.92
CA TYR B 287 20.12 3.82 9.84
C TYR B 287 20.67 4.99 9.03
N ASP B 288 20.19 5.14 7.81
CA ASP B 288 20.58 6.22 6.92
C ASP B 288 19.36 7.06 6.61
N TYR B 289 19.50 8.39 6.78
CA TYR B 289 18.37 9.28 6.63
C TYR B 289 18.87 10.69 6.34
N ILE B 290 17.98 11.52 5.81
CA ILE B 290 18.23 12.93 5.61
C ILE B 290 17.06 13.71 6.19
N LEU B 291 17.36 14.67 7.05
CA LEU B 291 16.32 15.42 7.73
C LEU B 291 15.89 16.62 6.90
N PRO B 292 14.61 16.76 6.58
CA PRO B 292 14.16 17.89 5.74
C PRO B 292 14.25 19.22 6.46
N GLN B 293 14.19 20.29 5.67
CA GLN B 293 14.28 21.66 6.16
C GLN B 293 13.38 22.53 5.32
N VAL B 294 12.43 23.21 5.95
CA VAL B 294 11.42 24.00 5.25
C VAL B 294 11.39 25.40 5.85
N SER B 295 11.38 26.41 4.98
CA SER B 295 11.28 27.80 5.38
C SER B 295 9.90 28.33 4.98
N PHE B 296 9.22 28.99 5.93
CA PHE B 296 7.84 29.40 5.73
C PHE B 296 7.63 30.84 6.19
N THR B 297 8.47 31.75 5.70
CA THR B 297 8.52 33.13 6.16
C THR B 297 7.13 33.68 6.47
N ALA B 298 6.95 34.14 7.70
CA ALA B 298 5.61 34.36 8.27
C ALA B 298 5.09 35.72 7.83
N VAL B 299 4.30 35.74 6.77
CA VAL B 299 3.59 36.95 6.35
C VAL B 299 2.14 36.60 6.07
N GLY B 300 1.84 35.31 5.98
CA GLY B 300 0.50 34.85 5.68
C GLY B 300 -0.36 34.65 6.90
N TYR B 301 -1.18 33.60 6.89
CA TYR B 301 -2.05 33.29 8.02
C TYR B 301 -2.04 31.83 8.44
N HIS B 302 -1.50 30.93 7.63
CA HIS B 302 -1.38 29.52 7.99
C HIS B 302 -0.16 28.94 7.30
N LYS B 303 0.10 27.66 7.56
CA LYS B 303 1.14 26.91 6.90
C LYS B 303 0.96 25.43 7.24
N HIS B 304 1.28 24.57 6.29
CA HIS B 304 1.10 23.14 6.44
C HIS B 304 2.33 22.37 5.98
N ILE B 305 3.49 22.74 6.53
CA ILE B 305 4.75 22.05 6.30
C ILE B 305 4.54 20.54 6.33
N THR B 306 5.11 19.84 5.35
CA THR B 306 4.84 18.43 5.11
C THR B 306 6.12 17.62 5.06
N LEU B 307 6.95 17.77 6.09
CA LEU B 307 8.22 17.06 6.18
C LEU B 307 8.06 15.59 5.86
N ILE B 308 8.92 15.09 4.97
CA ILE B 308 8.90 13.69 4.53
C ILE B 308 10.18 13.03 5.02
N PHE B 309 10.02 11.98 5.83
CA PHE B 309 11.15 11.30 6.47
C PHE B 309 11.07 9.82 6.13
N ASN B 310 11.94 9.38 5.22
CA ASN B 310 11.97 7.99 4.76
C ASN B 310 13.39 7.46 4.85
N PRO B 311 13.81 6.97 6.02
CA PRO B 311 15.15 6.42 6.14
C PRO B 311 15.26 5.05 5.48
N THR B 312 16.50 4.65 5.23
CA THR B 312 16.80 3.39 4.55
C THR B 312 17.70 2.53 5.42
N ARG B 313 18.07 1.37 4.89
CA ARG B 313 18.94 0.40 5.56
C ARG B 313 18.41 0.01 6.93
N THR C 2 7.56 -33.35 -6.19
CA THR C 2 8.46 -33.83 -7.23
C THR C 2 9.41 -34.88 -6.69
N LEU C 3 8.91 -35.75 -5.81
CA LEU C 3 9.73 -36.82 -5.26
C LEU C 3 10.23 -37.73 -6.38
N PHE C 4 9.38 -37.94 -7.39
CA PHE C 4 9.73 -38.87 -8.45
C PHE C 4 10.79 -38.23 -9.36
N HIS C 5 10.83 -36.89 -9.38
CA HIS C 5 11.96 -36.17 -9.96
C HIS C 5 13.25 -36.44 -9.21
N PHE C 6 13.18 -36.44 -7.87
CA PHE C 6 14.34 -36.83 -7.07
C PHE C 6 14.77 -38.24 -7.41
N GLY C 7 13.80 -39.14 -7.62
CA GLY C 7 14.09 -40.49 -8.05
C GLY C 7 14.81 -40.55 -9.38
N ASN C 8 14.36 -39.76 -10.36
CA ASN C 8 15.01 -39.75 -11.66
C ASN C 8 16.43 -39.20 -11.58
N CYS C 9 16.60 -38.12 -10.79
CA CYS C 9 17.94 -37.55 -10.64
C CYS C 9 18.88 -38.53 -9.93
N PHE C 10 18.39 -39.21 -8.90
CA PHE C 10 19.21 -40.21 -8.22
C PHE C 10 19.53 -41.38 -9.15
N ALA C 11 18.57 -41.79 -9.98
CA ALA C 11 18.84 -42.84 -10.95
C ALA C 11 19.89 -42.41 -11.95
N LEU C 12 19.92 -41.12 -12.31
CA LEU C 12 20.98 -40.62 -13.17
C LEU C 12 22.33 -40.60 -12.47
N ALA C 13 22.36 -40.25 -11.19
CA ALA C 13 23.64 -40.01 -10.52
C ALA C 13 24.24 -41.29 -9.93
N TYR C 14 23.52 -41.93 -9.01
CA TYR C 14 24.09 -43.04 -8.26
C TYR C 14 24.32 -44.28 -9.13
N PHE C 15 23.39 -44.56 -10.04
CA PHE C 15 23.45 -45.82 -10.78
C PHE C 15 24.74 -46.03 -11.58
N PRO C 16 25.29 -45.03 -12.28
CA PRO C 16 26.56 -45.28 -12.97
C PRO C 16 27.70 -45.72 -12.06
N TYR C 17 27.73 -45.22 -10.82
CA TYR C 17 28.73 -45.71 -9.88
C TYR C 17 28.54 -47.19 -9.60
N PHE C 18 27.29 -47.62 -9.42
CA PHE C 18 27.02 -49.04 -9.22
C PHE C 18 27.42 -49.85 -10.45
N ILE C 19 27.17 -49.31 -11.65
CA ILE C 19 27.53 -50.00 -12.87
C ILE C 19 29.04 -50.19 -12.95
N THR C 20 29.79 -49.13 -12.65
CA THR C 20 31.25 -49.25 -12.64
C THR C 20 31.72 -50.22 -11.56
N TYR C 21 31.04 -50.21 -10.42
CA TYR C 21 31.38 -51.11 -9.31
C TYR C 21 31.22 -52.56 -9.74
N LYS C 22 30.13 -52.87 -10.44
CA LYS C 22 29.84 -54.24 -10.84
C LYS C 22 30.56 -54.66 -12.11
N CYS C 23 31.07 -53.71 -12.89
CA CYS C 23 31.73 -54.02 -14.15
C CYS C 23 33.25 -53.95 -14.06
N SER C 24 33.80 -53.64 -12.89
CA SER C 24 35.25 -53.53 -12.71
C SER C 24 35.83 -54.63 -11.84
N GLY C 25 35.06 -55.67 -11.54
CA GLY C 25 35.55 -56.75 -10.72
C GLY C 25 35.82 -56.32 -9.29
N LEU C 26 34.75 -55.96 -8.58
CA LEU C 26 34.89 -55.50 -7.19
C LEU C 26 35.43 -56.60 -6.27
N SER C 27 35.14 -57.86 -6.56
CA SER C 27 35.54 -58.96 -5.69
C SER C 27 37.05 -59.21 -5.70
N GLU C 28 37.79 -58.58 -6.62
CA GLU C 28 39.23 -58.78 -6.66
C GLU C 28 39.91 -58.29 -5.39
N TYR C 29 39.47 -57.14 -4.86
CA TYR C 29 39.97 -56.65 -3.58
C TYR C 29 38.90 -56.36 -2.54
N ASN C 30 37.62 -56.43 -2.90
CA ASN C 30 36.53 -55.95 -2.04
C ASN C 30 36.79 -54.49 -1.65
N ALA C 31 36.75 -53.63 -2.68
CA ALA C 31 37.23 -52.26 -2.57
C ALA C 31 36.39 -51.39 -1.64
N PHE C 32 35.41 -51.98 -0.97
CA PHE C 32 34.58 -51.21 -0.05
C PHE C 32 35.42 -50.58 1.05
N TRP C 33 36.35 -51.34 1.63
CA TRP C 33 37.28 -50.78 2.60
C TRP C 33 38.20 -49.77 1.94
N LYS C 34 38.71 -50.08 0.74
CA LYS C 34 39.56 -49.14 0.03
C LYS C 34 38.79 -47.87 -0.35
N CYS C 35 37.53 -48.03 -0.78
CA CYS C 35 36.72 -46.86 -1.10
C CYS C 35 36.46 -46.01 0.14
N VAL C 36 36.23 -46.66 1.29
CA VAL C 36 36.02 -45.93 2.53
C VAL C 36 37.27 -45.16 2.91
N GLN C 37 38.44 -45.79 2.79
CA GLN C 37 39.69 -45.10 3.10
C GLN C 37 39.91 -43.93 2.15
N ALA C 38 39.60 -44.11 0.87
CA ALA C 38 39.73 -43.02 -0.09
C ALA C 38 38.78 -41.88 0.25
N GLY C 39 37.56 -42.20 0.67
CA GLY C 39 36.63 -41.16 1.06
C GLY C 39 37.08 -40.41 2.30
N VAL C 40 37.66 -41.12 3.27
CA VAL C 40 38.20 -40.47 4.45
C VAL C 40 39.33 -39.54 4.07
N THR C 41 40.22 -39.99 3.18
CA THR C 41 41.31 -39.14 2.72
C THR C 41 40.77 -37.92 1.97
N TYR C 42 39.72 -38.11 1.17
CA TYR C 42 39.12 -36.98 0.46
C TYR C 42 38.51 -35.98 1.44
N LEU C 43 37.86 -36.47 2.49
CA LEU C 43 37.31 -35.57 3.50
C LEU C 43 38.41 -34.80 4.21
N PHE C 44 39.52 -35.48 4.53
CA PHE C 44 40.64 -34.79 5.16
C PHE C 44 41.23 -33.74 4.23
N VAL C 45 41.34 -34.06 2.93
CA VAL C 45 41.87 -33.09 1.98
C VAL C 45 40.93 -31.91 1.83
N GLN C 46 39.61 -32.16 1.86
CA GLN C 46 38.65 -31.07 1.80
C GLN C 46 38.75 -30.17 3.02
N LEU C 47 38.93 -30.77 4.20
CA LEU C 47 39.12 -29.97 5.41
C LEU C 47 40.39 -29.13 5.32
N CYS C 48 41.48 -29.73 4.82
CA CYS C 48 42.72 -28.98 4.66
C CYS C 48 42.55 -27.83 3.66
N LYS C 49 41.83 -28.08 2.56
CA LYS C 49 41.60 -27.03 1.58
C LYS C 49 40.75 -25.91 2.16
N MET C 50 39.73 -26.25 2.97
CA MET C 50 38.92 -25.24 3.62
C MET C 50 39.77 -24.41 4.58
N LEU C 51 40.65 -25.06 5.34
CA LEU C 51 41.54 -24.34 6.24
C LEU C 51 42.46 -23.40 5.47
N PHE C 52 43.01 -23.87 4.34
CA PHE C 52 43.88 -23.03 3.53
C PHE C 52 43.13 -21.84 2.96
N LEU C 53 41.89 -22.06 2.51
CA LEU C 53 41.08 -20.96 1.98
C LEU C 53 40.77 -19.95 3.07
N ALA C 54 40.46 -20.42 4.28
CA ALA C 54 40.23 -19.51 5.40
C ALA C 54 41.49 -18.71 5.72
N THR C 55 42.66 -19.37 5.70
CA THR C 55 43.92 -18.68 5.96
C THR C 55 44.20 -17.62 4.90
N PHE C 56 43.94 -17.93 3.64
CA PHE C 56 44.17 -17.00 2.56
C PHE C 56 42.87 -16.61 1.86
N ILE C 68 43.33 -14.33 -7.17
CA ILE C 68 43.02 -14.83 -5.83
C ILE C 68 42.30 -16.17 -5.93
N GLY C 69 41.30 -16.24 -6.82
CA GLY C 69 40.56 -17.48 -7.00
C GLY C 69 41.40 -18.60 -7.57
N GLU C 70 42.37 -18.27 -8.44
CA GLU C 70 43.21 -19.29 -9.04
C GLU C 70 44.06 -20.01 -7.99
N PHE C 71 44.54 -19.27 -6.98
CA PHE C 71 45.36 -19.87 -5.94
C PHE C 71 44.58 -20.92 -5.16
N MET C 72 43.32 -20.61 -4.81
CA MET C 72 42.50 -21.58 -4.08
C MET C 72 42.24 -22.82 -4.92
N LYS C 73 41.94 -22.63 -6.22
CA LYS C 73 41.72 -23.78 -7.10
C LYS C 73 42.99 -24.61 -7.24
N ALA C 74 44.14 -23.95 -7.36
CA ALA C 74 45.41 -24.67 -7.47
C ALA C 74 45.70 -25.46 -6.20
N SER C 75 45.43 -24.86 -5.04
CA SER C 75 45.65 -25.58 -3.77
C SER C 75 44.72 -26.77 -3.65
N VAL C 76 43.45 -26.61 -4.05
CA VAL C 76 42.50 -27.71 -3.99
C VAL C 76 42.94 -28.84 -4.92
N ASP C 77 43.39 -28.48 -6.13
CA ASP C 77 43.87 -29.49 -7.08
C ASP C 77 45.09 -30.22 -6.54
N VAL C 78 46.02 -29.49 -5.92
CA VAL C 78 47.22 -30.10 -5.36
C VAL C 78 46.84 -31.07 -4.24
N ALA C 79 45.93 -30.65 -3.36
CA ALA C 79 45.50 -31.52 -2.28
C ALA C 79 44.81 -32.77 -2.80
N ASP C 80 43.95 -32.62 -3.81
CA ASP C 80 43.28 -33.77 -4.40
C ASP C 80 44.27 -34.72 -5.05
N LEU C 81 45.26 -34.18 -5.77
CA LEU C 81 46.28 -35.02 -6.38
C LEU C 81 47.10 -35.76 -5.34
N ILE C 82 47.45 -35.08 -4.24
CA ILE C 82 48.21 -35.73 -3.18
C ILE C 82 47.40 -36.86 -2.54
N GLY C 83 46.12 -36.60 -2.28
CA GLY C 83 45.28 -37.64 -1.71
C GLY C 83 45.12 -38.83 -2.63
N LEU C 84 44.92 -38.57 -3.93
CA LEU C 84 44.81 -39.66 -4.89
C LEU C 84 46.11 -40.46 -4.98
N ASN C 85 47.25 -39.77 -4.95
CA ASN C 85 48.54 -40.46 -4.98
C ASN C 85 48.73 -41.34 -3.75
N LEU C 86 48.36 -40.82 -2.57
CA LEU C 86 48.46 -41.61 -1.35
C LEU C 86 47.55 -42.82 -1.40
N VAL C 87 46.32 -42.64 -1.88
CA VAL C 87 45.39 -43.76 -1.98
C VAL C 87 45.91 -44.81 -2.94
N MET C 88 46.45 -44.38 -4.09
CA MET C 88 47.00 -45.33 -5.05
C MET C 88 48.19 -46.08 -4.47
N SER C 89 49.09 -45.37 -3.78
CA SER C 89 50.24 -46.02 -3.18
C SER C 89 49.85 -46.92 -2.02
N ARG C 90 48.66 -46.73 -1.45
CA ARG C 90 48.22 -47.58 -0.33
C ARG C 90 48.06 -49.03 -0.75
N ASN C 91 47.79 -49.29 -2.03
CA ASN C 91 47.55 -50.63 -2.54
C ASN C 91 48.48 -50.94 -3.69
N ALA C 92 48.81 -52.23 -3.84
CA ALA C 92 49.68 -52.71 -4.91
C ALA C 92 48.96 -53.80 -5.71
N GLY C 93 49.13 -53.75 -7.03
CA GLY C 93 48.49 -54.71 -7.90
C GLY C 93 48.45 -54.26 -9.35
N LYS C 94 47.31 -54.45 -10.01
CA LYS C 94 47.15 -54.03 -11.39
C LYS C 94 46.92 -52.52 -11.45
N GLY C 95 47.59 -51.86 -12.40
CA GLY C 95 47.49 -50.42 -12.50
C GLY C 95 46.08 -49.93 -12.75
N GLU C 96 45.36 -50.60 -13.64
CA GLU C 96 43.96 -50.25 -13.86
C GLU C 96 43.14 -50.43 -12.59
N TYR C 97 43.50 -51.41 -11.75
CA TYR C 97 42.70 -51.67 -10.56
C TYR C 97 42.99 -50.65 -9.45
N LYS C 98 44.24 -50.21 -9.28
CA LYS C 98 44.45 -49.08 -8.39
C LYS C 98 43.79 -47.82 -8.93
N ILE C 99 43.77 -47.68 -10.27
CA ILE C 99 43.04 -46.58 -10.90
C ILE C 99 41.60 -46.60 -10.46
N MET C 100 40.99 -47.79 -10.49
CA MET C 100 39.58 -47.91 -10.10
C MET C 100 39.40 -47.62 -8.62
N VAL C 101 40.21 -48.24 -7.76
CA VAL C 101 40.01 -48.08 -6.31
C VAL C 101 40.23 -46.63 -5.90
N ALA C 102 40.99 -45.86 -6.67
CA ALA C 102 41.17 -44.46 -6.33
C ALA C 102 40.02 -43.61 -6.90
N ALA C 103 39.78 -43.72 -8.20
CA ALA C 103 38.82 -42.85 -8.86
C ALA C 103 37.40 -43.09 -8.37
N LEU C 104 36.99 -44.36 -8.27
CA LEU C 104 35.65 -44.67 -7.81
C LEU C 104 35.44 -44.22 -6.37
N GLY C 105 36.45 -44.41 -5.53
CA GLY C 105 36.34 -43.94 -4.15
C GLY C 105 36.18 -42.44 -4.07
N TRP C 106 36.99 -41.70 -4.82
CA TRP C 106 36.89 -40.24 -4.81
C TRP C 106 35.55 -39.78 -5.37
N ALA C 107 35.07 -40.43 -6.43
CA ALA C 107 33.78 -40.05 -7.01
C ALA C 107 32.63 -40.33 -6.04
N THR C 108 32.69 -41.46 -5.33
CA THR C 108 31.68 -41.76 -4.32
C THR C 108 31.73 -40.72 -3.20
N ALA C 109 32.94 -40.30 -2.82
CA ALA C 109 33.06 -39.24 -1.83
C ALA C 109 32.40 -37.96 -2.33
N GLU C 110 32.61 -37.61 -3.60
CA GLU C 110 31.99 -36.41 -4.15
C GLU C 110 30.47 -36.52 -4.16
N LEU C 111 29.94 -37.69 -4.52
CA LEU C 111 28.49 -37.86 -4.53
C LEU C 111 27.92 -37.75 -3.12
N ILE C 112 28.53 -38.44 -2.16
CA ILE C 112 28.11 -38.32 -0.76
C ILE C 112 28.25 -36.90 -0.24
N MET C 113 29.14 -36.12 -0.85
CA MET C 113 29.33 -34.71 -0.55
C MET C 113 28.18 -33.92 -1.15
N SER C 114 28.38 -32.63 -1.38
CA SER C 114 27.30 -31.66 -1.58
C SER C 114 26.64 -31.79 -2.95
N ARG C 115 26.65 -32.98 -3.55
CA ARG C 115 25.80 -33.25 -4.70
C ARG C 115 24.74 -34.32 -4.42
N CYS C 116 24.52 -34.68 -3.15
CA CYS C 116 23.42 -35.56 -2.77
C CYS C 116 22.55 -34.91 -1.69
N ILE C 117 23.19 -34.25 -0.72
CA ILE C 117 22.44 -33.55 0.32
C ILE C 117 21.60 -32.40 -0.24
N PRO C 118 22.12 -31.52 -1.09
CA PRO C 118 21.22 -30.56 -1.75
C PRO C 118 20.18 -31.24 -2.61
N LEU C 119 20.54 -32.34 -3.27
CA LEU C 119 19.57 -33.10 -4.04
C LEU C 119 18.44 -33.59 -3.15
N TRP C 120 18.71 -33.83 -1.87
CA TRP C 120 17.66 -34.24 -0.95
C TRP C 120 16.83 -33.05 -0.49
N VAL C 121 17.48 -31.97 -0.03
CA VAL C 121 16.73 -30.86 0.55
C VAL C 121 15.92 -30.15 -0.53
N GLY C 122 16.55 -29.82 -1.67
CA GLY C 122 15.81 -29.42 -2.82
C GLY C 122 15.24 -30.63 -3.53
N ALA C 123 14.47 -30.36 -4.59
CA ALA C 123 13.72 -31.41 -5.27
C ALA C 123 12.76 -32.07 -4.30
N ARG C 124 11.99 -33.06 -4.77
CA ARG C 124 11.08 -33.82 -3.92
C ARG C 124 9.93 -32.92 -3.43
N GLY C 125 10.03 -31.63 -3.72
CA GLY C 125 9.03 -30.67 -3.27
C GLY C 125 8.06 -30.29 -4.36
N ILE C 126 7.93 -28.99 -4.61
CA ILE C 126 6.99 -28.51 -5.61
C ILE C 126 7.75 -27.80 -6.72
N GLU C 127 8.89 -27.20 -6.38
CA GLU C 127 9.67 -26.47 -7.35
C GLU C 127 10.41 -27.44 -8.27
N PHE C 128 10.75 -26.96 -9.47
CA PHE C 128 11.50 -27.74 -10.43
C PHE C 128 12.41 -26.75 -11.17
N ASP C 129 13.67 -26.71 -10.76
CA ASP C 129 14.70 -26.00 -11.51
C ASP C 129 15.62 -27.04 -12.13
N TRP C 130 16.05 -26.80 -13.37
CA TRP C 130 16.87 -27.76 -14.08
C TRP C 130 18.22 -27.96 -13.39
N LYS C 131 18.50 -27.12 -12.40
CA LYS C 131 19.76 -27.16 -11.65
C LYS C 131 20.03 -28.56 -11.11
N TYR C 132 18.98 -29.27 -10.70
CA TYR C 132 19.17 -30.59 -10.10
C TYR C 132 19.66 -31.60 -11.14
N ILE C 133 19.03 -31.62 -12.31
CA ILE C 133 19.47 -32.51 -13.37
C ILE C 133 20.87 -32.12 -13.85
N GLN C 134 21.15 -30.80 -13.87
CA GLN C 134 22.49 -30.34 -14.21
C GLN C 134 23.52 -30.84 -13.21
N MET C 135 23.18 -30.81 -11.92
CA MET C 135 24.08 -31.32 -10.90
C MET C 135 24.32 -32.82 -11.08
N SER C 136 23.26 -33.55 -11.44
CA SER C 136 23.44 -34.98 -11.67
C SER C 136 24.35 -35.24 -12.87
N ILE C 137 24.18 -34.46 -13.93
CA ILE C 137 25.05 -34.60 -15.11
C ILE C 137 26.50 -34.30 -14.73
N ASP C 138 26.72 -33.23 -13.97
CA ASP C 138 28.07 -32.85 -13.60
C ASP C 138 28.69 -33.88 -12.67
N SER C 139 27.88 -34.47 -11.79
CA SER C 139 28.35 -35.57 -10.97
C SER C 139 28.73 -36.78 -11.79
N ASN C 140 27.99 -37.09 -12.86
CA ASN C 140 28.36 -38.19 -13.73
C ASN C 140 29.64 -37.92 -14.51
N ILE C 141 29.85 -36.69 -14.98
CA ILE C 141 31.12 -36.37 -15.64
C ILE C 141 32.27 -36.25 -14.64
N SER C 142 31.98 -36.01 -13.36
CA SER C 142 33.03 -36.01 -12.35
C SER C 142 33.66 -37.38 -12.21
N LEU C 143 32.93 -38.44 -12.53
CA LEU C 143 33.52 -39.78 -12.55
C LEU C 143 34.69 -39.84 -13.53
N VAL C 144 34.48 -39.37 -14.76
CA VAL C 144 35.55 -39.44 -15.74
C VAL C 144 36.61 -38.39 -15.48
N HIS C 145 36.24 -37.26 -14.85
CA HIS C 145 37.26 -36.29 -14.44
C HIS C 145 38.19 -36.89 -13.41
N TYR C 146 37.64 -37.63 -12.43
CA TYR C 146 38.48 -38.27 -11.43
C TYR C 146 39.22 -39.47 -12.02
N ILE C 147 38.65 -40.08 -13.06
CA ILE C 147 39.40 -41.07 -13.85
C ILE C 147 40.65 -40.44 -14.43
N VAL C 148 40.50 -39.23 -14.99
CA VAL C 148 41.64 -38.51 -15.54
C VAL C 148 42.65 -38.17 -14.45
N ALA C 149 42.16 -37.75 -13.28
CA ALA C 149 43.06 -37.42 -12.18
C ALA C 149 43.84 -38.64 -11.72
N SER C 150 43.15 -39.79 -11.60
CA SER C 150 43.83 -41.01 -11.21
C SER C 150 44.82 -41.45 -12.28
N ALA C 151 44.50 -41.22 -13.55
CA ALA C 151 45.45 -41.51 -14.62
C ALA C 151 46.70 -40.65 -14.49
N GLN C 152 46.52 -39.37 -14.15
CA GLN C 152 47.66 -38.51 -13.89
C GLN C 152 48.50 -39.05 -12.73
N VAL C 153 47.84 -39.50 -11.67
CA VAL C 153 48.57 -40.07 -10.53
C VAL C 153 49.36 -41.30 -10.97
N TRP C 154 48.74 -42.17 -11.77
CA TRP C 154 49.42 -43.37 -12.24
C TRP C 154 50.62 -43.03 -13.11
N MET C 155 50.49 -42.02 -13.96
CA MET C 155 51.63 -41.57 -14.75
C MET C 155 52.75 -41.05 -13.86
N ILE C 156 52.38 -40.33 -12.79
CA ILE C 156 53.39 -39.86 -11.84
C ILE C 156 54.11 -41.05 -11.21
N THR C 157 53.35 -42.06 -10.80
CA THR C 157 53.91 -43.28 -10.24
C THR C 157 54.31 -44.22 -11.37
N ARG C 158 54.57 -45.49 -11.03
CA ARG C 158 54.97 -46.52 -11.99
C ARG C 158 56.28 -46.17 -12.68
N TYR C 159 57.33 -46.04 -11.85
CA TYR C 159 58.69 -45.76 -12.30
C TYR C 159 58.80 -44.39 -12.95
N ASP C 160 60.01 -44.01 -13.36
CA ASP C 160 60.23 -42.72 -13.99
C ASP C 160 60.32 -42.85 -15.50
N HIS C 163 61.37 -41.09 -19.15
CA HIS C 163 61.62 -41.74 -20.43
C HIS C 163 60.61 -41.29 -21.48
N THR C 164 61.12 -40.97 -22.68
CA THR C 164 60.29 -40.50 -23.80
C THR C 164 59.47 -39.29 -23.41
N PHE C 165 60.08 -38.36 -22.67
CA PHE C 165 59.45 -37.12 -22.24
C PHE C 165 58.19 -37.37 -21.41
N ARG C 166 58.17 -38.47 -20.66
CA ARG C 166 57.05 -38.74 -19.78
C ARG C 166 56.84 -37.67 -18.71
N PRO C 167 57.88 -37.16 -18.02
CA PRO C 167 57.64 -36.05 -17.08
C PRO C 167 57.05 -34.82 -17.74
N ALA C 168 57.43 -34.53 -18.99
CA ALA C 168 56.84 -33.39 -19.69
C ALA C 168 55.34 -33.60 -19.92
N VAL C 169 54.95 -34.81 -20.29
CA VAL C 169 53.53 -35.10 -20.49
C VAL C 169 52.78 -35.03 -19.16
N LEU C 170 53.40 -35.51 -18.08
CA LEU C 170 52.78 -35.41 -16.77
C LEU C 170 52.60 -33.95 -16.35
N LEU C 171 53.60 -33.11 -16.63
CA LEU C 171 53.47 -31.69 -16.33
C LEU C 171 52.37 -31.04 -17.16
N LEU C 172 52.25 -31.45 -18.43
CA LEU C 172 51.17 -30.93 -19.27
C LEU C 172 49.80 -31.33 -18.72
N MET C 173 49.67 -32.59 -18.27
CA MET C 173 48.41 -33.03 -17.68
C MET C 173 48.12 -32.27 -16.38
N PHE C 174 49.15 -32.01 -15.57
CA PHE C 174 48.95 -31.24 -14.35
C PHE C 174 48.52 -29.82 -14.65
N LEU C 175 49.10 -29.21 -15.69
CA LEU C 175 48.66 -27.88 -16.10
C LEU C 175 47.22 -27.89 -16.59
N SER C 176 46.85 -28.91 -17.36
CA SER C 176 45.49 -29.04 -17.84
C SER C 176 44.50 -29.36 -16.72
N VAL C 177 44.99 -29.87 -15.59
CA VAL C 177 44.16 -30.12 -14.42
C VAL C 177 43.59 -28.79 -13.91
N TYR C 178 42.58 -28.87 -13.04
CA TYR C 178 41.76 -27.72 -12.67
C TYR C 178 41.04 -27.15 -13.88
N LYS C 179 40.80 -28.01 -14.88
CA LYS C 179 40.07 -27.59 -16.07
C LYS C 179 38.65 -27.18 -15.74
N ALA C 180 38.04 -27.80 -14.72
CA ALA C 180 36.71 -27.40 -14.30
C ALA C 180 36.70 -25.96 -13.80
N PHE C 181 37.66 -25.60 -12.96
CA PHE C 181 37.75 -24.22 -12.48
C PHE C 181 38.07 -23.26 -13.62
N VAL C 182 38.95 -23.67 -14.53
CA VAL C 182 39.30 -22.81 -15.67
C VAL C 182 38.07 -22.55 -16.52
N MET C 183 37.29 -23.60 -16.81
CA MET C 183 36.09 -23.44 -17.62
C MET C 183 35.04 -22.61 -16.89
N GLU C 184 34.92 -22.77 -15.58
CA GLU C 184 33.98 -21.96 -14.81
C GLU C 184 34.37 -20.48 -14.88
N THR C 185 35.66 -20.18 -14.74
CA THR C 185 36.13 -18.80 -14.85
C THR C 185 35.87 -18.25 -16.25
N PHE C 186 36.12 -19.06 -17.28
CA PHE C 186 35.88 -18.61 -18.65
C PHE C 186 34.40 -18.33 -18.88
N VAL C 187 33.52 -19.20 -18.37
CA VAL C 187 32.08 -19.01 -18.54
C VAL C 187 31.62 -17.76 -17.80
N HIS C 188 32.16 -17.54 -16.60
CA HIS C 188 31.84 -16.31 -15.87
C HIS C 188 32.28 -15.08 -16.66
N LEU C 189 33.48 -15.14 -17.24
CA LEU C 189 33.94 -14.05 -18.10
C LEU C 189 33.08 -13.95 -19.37
N CYS C 190 32.74 -15.09 -19.96
CA CYS C 190 31.92 -15.10 -21.17
C CYS C 190 30.46 -14.83 -20.85
N GLY C 193 24.79 -19.53 -21.33
CA GLY C 193 23.75 -20.12 -20.51
C GLY C 193 24.26 -21.21 -19.59
N SER C 194 23.43 -21.61 -18.63
CA SER C 194 23.83 -22.67 -17.70
C SER C 194 24.01 -23.99 -18.42
N TRP C 195 23.07 -24.35 -19.29
CA TRP C 195 23.21 -25.59 -20.05
C TRP C 195 24.37 -25.51 -21.03
N ALA C 196 24.60 -24.32 -21.62
CA ALA C 196 25.77 -24.15 -22.47
C ALA C 196 27.05 -24.34 -21.67
N ALA C 197 27.10 -23.80 -20.45
CA ALA C 197 28.28 -23.99 -19.60
C ALA C 197 28.48 -25.46 -19.26
N LEU C 198 27.40 -26.16 -18.93
CA LEU C 198 27.51 -27.59 -18.62
C LEU C 198 28.00 -28.37 -19.84
N LEU C 199 27.50 -28.04 -21.02
CA LEU C 199 27.96 -28.70 -22.23
C LEU C 199 29.44 -28.43 -22.46
N ALA C 200 29.87 -27.19 -22.25
CA ALA C 200 31.28 -26.86 -22.42
C ALA C 200 32.15 -27.66 -21.45
N ARG C 201 31.73 -27.75 -20.19
CA ARG C 201 32.47 -28.56 -19.22
C ARG C 201 32.53 -30.01 -19.66
N ALA C 202 31.41 -30.54 -20.17
CA ALA C 202 31.40 -31.92 -20.64
C ALA C 202 32.40 -32.13 -21.76
N VAL C 203 32.44 -31.22 -22.73
CA VAL C 203 33.34 -31.42 -23.86
C VAL C 203 34.81 -31.27 -23.44
N VAL C 204 35.12 -30.34 -22.55
CA VAL C 204 36.53 -30.21 -22.16
C VAL C 204 36.95 -31.41 -21.33
N THR C 205 36.07 -31.90 -20.45
CA THR C 205 36.40 -33.08 -19.67
C THR C 205 36.56 -34.30 -20.57
N GLY C 206 35.74 -34.42 -21.61
CA GLY C 206 35.92 -35.51 -22.56
C GLY C 206 37.21 -35.41 -23.34
N LEU C 207 37.62 -34.18 -23.69
CA LEU C 207 38.89 -34.00 -24.37
C LEU C 207 40.05 -34.41 -23.46
N LEU C 208 39.99 -34.05 -22.18
CA LEU C 208 40.99 -34.53 -21.24
C LEU C 208 40.95 -36.04 -21.09
N ALA C 209 39.75 -36.64 -21.17
CA ALA C 209 39.64 -38.10 -21.10
C ALA C 209 40.37 -38.75 -22.27
N LEU C 210 40.16 -38.22 -23.48
CA LEU C 210 40.84 -38.80 -24.63
C LEU C 210 42.34 -38.55 -24.58
N SER C 211 42.76 -37.38 -24.07
CA SER C 211 44.19 -37.14 -23.89
C SER C 211 44.79 -38.14 -22.92
N THR C 212 44.08 -38.45 -21.83
CA THR C 212 44.59 -39.38 -20.85
C THR C 212 44.63 -40.81 -21.39
N LEU C 213 43.64 -41.23 -22.17
CA LEU C 213 43.73 -42.58 -22.73
C LEU C 213 44.84 -42.67 -23.77
N ALA C 214 45.08 -41.58 -24.50
CA ALA C 214 46.25 -41.54 -25.38
C ALA C 214 47.55 -41.67 -24.59
N LEU C 215 47.62 -40.99 -23.45
CA LEU C 215 48.78 -41.14 -22.57
C LEU C 215 48.91 -42.59 -22.09
N TYR C 216 47.79 -43.22 -21.77
CA TYR C 216 47.83 -44.60 -21.28
C TYR C 216 48.35 -45.55 -22.34
N VAL C 217 47.88 -45.40 -23.59
CA VAL C 217 48.37 -46.28 -24.65
C VAL C 217 49.82 -45.95 -25.00
N ALA C 218 50.26 -44.71 -24.75
CA ALA C 218 51.67 -44.41 -24.91
C ALA C 218 52.53 -45.05 -23.83
N VAL C 219 51.98 -45.16 -22.61
CA VAL C 219 52.77 -45.60 -21.45
C VAL C 219 52.70 -47.11 -21.21
N VAL C 220 51.74 -47.82 -21.83
CA VAL C 220 51.52 -49.25 -21.58
C VAL C 220 52.83 -50.04 -21.51
N ASN C 221 53.84 -49.63 -22.27
CA ASN C 221 55.14 -50.28 -22.24
C ASN C 221 55.74 -50.15 -20.84
#